data_9IJ9
#
_entry.id   9IJ9
#
loop_
_entity.id
_entity.type
_entity.pdbx_description
1 polymer 'Guanine nucleotide-binding protein G(i) subunit alpha-1'
2 polymer 'Guanine nucleotide-binding protein G(I)/G(S)/G(T) subunit beta-1'
3 polymer 'Guanine nucleotide-binding protein G(I)/G(S)/G(O) subunit gamma-2'
4 polymer 'Taste receptor type 2 member 14'
5 non-polymer 4-methyl-N-[(2M)-2-(1H-tetrazol-5-yl)phenyl]-6-(trifluoromethyl)pyrimidin-2-amine
6 non-polymer CHOLESTEROL
#
loop_
_entity_poly.entity_id
_entity_poly.type
_entity_poly.pdbx_seq_one_letter_code
_entity_poly.pdbx_strand_id
1 'polypeptide(L)'
;MGCTLSAEDKAAVERSKMIDRNLREDGEKAAREVKLLLLGAGESGKNTIVKQMKIIHEAGYSEEECKQYKAVVYSSNIQS
IIAIIRAMGRLKIDFGDSARADDARQLFVLAGAAEEGFMTAELAGVIKRLWKDSGVQACFNRSREYQLNDSAAYYLNDLD
RIAQPNYIPTQQDVLRTRVKTTGIVETHFTFKDLHFKMFDVGAQRSERKKWIHCFEGVTAIIFCVALSDYDLVLAEDEEM
NRMHESMKLFDSICNNKWFTDTSIILFLNKKDLFEEKIKKSPLTICYPEYAGSNTYEEAAAYIQCQFEDLNKRKDTKEIY
THFTCSTDTKNVQFVFDAVTDVIIKNNLKDCGLF
;
A
2 'polypeptide(L)'
;GSLLQSELDQLRQEAEQLKNQIRDARKACADATLSQITNNIDPVGRIQMRTRRTLRGHLAKIYAMHWGTDSRLLVSASQD
GKLIIWDSYTTNKVHAIPLRSSWVMTCAYAPSGNYVACGGLDNICSIYNLKTREGNVRVSRELAGHTGYLSCCRFLDDNQ
IVTSSGDTTCALWDIETGQQTTTFTGHTGDVMSLSLAPDTRLFVSGACDASAKLWDVREGMCRQTFTGHESDINAICFFP
NGNAFATGSDDATCRLFDLRADQELMTYSHDNIICGITSVSFSKSGRLLLAGYDDFNCNVWDALKADRAGVLAGHDNRVS
CLGVTDDGMAVATGSWDSFLKIWN
;
B
3 'polypeptide(L)' ASNNTASIAQARKLVEQLKMEANIDRIKVSKAAADLMAYCEAHAKEDPLLTPVPASENPFREKKFFCAIL C
4 'polypeptide(L)'
;MGGVIKSIFTFVLIVEFIIGNLGNSFIALVNCIDWVKGRKISSVDRILTALAISRISLVWLIFGSWCVSVFFPALFATEK
MFRMLTNIWTVINHFSVWLATGLGTFYFLKIANFSNSIFLYLKWRVKKVVLVLLLVTSVFLFLNIALINIHINASINGYR
RNKTCSSDSSNFTRFSSLIVLTSTVFIFIPFTLSLAMFLLLIFSMWKHRKKMQHTVKISGDASTKAHRGVKSVITFFLLY
AIFSLSFFISVWTSERLEENLIILSQVMGMAYPSCHSCVLILGNKKLRQASLSVLLWLRYMFKDGEPSGHKEFRESS
;
R
#
loop_
_chem_comp.id
_chem_comp.type
_chem_comp.name
_chem_comp.formula
A1AEI non-polymer 4-methyl-N-[(2M)-2-(1H-tetrazol-5-yl)phenyl]-6-(trifluoromethyl)pyrimidin-2-amine 'C13 H10 F3 N7'
CLR non-polymer CHOLESTEROL 'C27 H46 O'
#
# COMPACT_ATOMS: atom_id res chain seq x y z
N LEU A 5 16.96 -25.30 19.90
CA LEU A 5 16.60 -25.80 18.58
C LEU A 5 17.26 -27.14 18.30
N SER A 6 16.49 -28.05 17.70
CA SER A 6 17.03 -29.34 17.30
C SER A 6 17.78 -29.21 15.98
N ALA A 7 18.27 -30.34 15.47
CA ALA A 7 18.93 -30.33 14.18
C ALA A 7 17.95 -30.05 13.05
N GLU A 8 16.79 -30.70 13.10
CA GLU A 8 15.76 -30.48 12.08
C GLU A 8 15.17 -29.09 12.18
N ASP A 9 15.08 -28.54 13.39
CA ASP A 9 14.61 -27.16 13.55
C ASP A 9 15.59 -26.17 12.94
N LYS A 10 16.89 -26.41 13.12
CA LYS A 10 17.91 -25.55 12.50
C LYS A 10 17.86 -25.64 10.98
N ALA A 11 17.65 -26.85 10.46
CA ALA A 11 17.55 -27.00 9.01
C ALA A 11 16.28 -26.36 8.46
N ALA A 12 15.19 -26.38 9.23
CA ALA A 12 13.98 -25.65 8.83
C ALA A 12 14.21 -24.15 8.84
N VAL A 13 14.99 -23.65 9.81
CA VAL A 13 15.34 -22.23 9.86
C VAL A 13 16.16 -21.85 8.62
N GLU A 14 17.10 -22.72 8.23
CA GLU A 14 17.88 -22.47 7.01
C GLU A 14 17.01 -22.48 5.76
N ARG A 15 16.03 -23.39 5.71
CA ARG A 15 15.11 -23.42 4.58
C ARG A 15 14.27 -22.14 4.50
N SER A 16 13.83 -21.65 5.66
CA SER A 16 13.10 -20.39 5.69
C SER A 16 13.98 -19.22 5.26
N LYS A 17 15.26 -19.26 5.62
CA LYS A 17 16.19 -18.22 5.18
C LYS A 17 16.39 -18.23 3.67
N MET A 18 16.49 -19.42 3.07
CA MET A 18 16.59 -19.51 1.61
C MET A 18 15.32 -19.01 0.93
N ILE A 19 14.15 -19.35 1.51
CA ILE A 19 12.88 -18.87 0.97
C ILE A 19 12.79 -17.35 1.06
N ASP A 20 13.25 -16.78 2.17
CA ASP A 20 13.26 -15.32 2.34
C ASP A 20 14.20 -14.66 1.34
N ARG A 21 15.36 -15.27 1.08
CA ARG A 21 16.28 -14.73 0.09
C ARG A 21 15.68 -14.73 -1.30
N ASN A 22 15.00 -15.82 -1.67
CA ASN A 22 14.35 -15.89 -2.97
C ASN A 22 13.21 -14.88 -3.09
N LEU A 23 12.45 -14.69 -2.01
CA LEU A 23 11.37 -13.70 -2.01
C LEU A 23 11.92 -12.29 -2.17
N ARG A 24 13.03 -11.99 -1.49
CA ARG A 24 13.64 -10.67 -1.61
C ARG A 24 14.18 -10.42 -3.01
N GLU A 25 14.80 -11.44 -3.62
CA GLU A 25 15.30 -11.29 -4.98
C GLU A 25 14.15 -11.10 -5.98
N ASP A 26 13.06 -11.85 -5.80
CA ASP A 26 11.90 -11.69 -6.66
C ASP A 26 11.26 -10.32 -6.51
N GLY A 27 11.21 -9.82 -5.27
CA GLY A 27 10.64 -8.50 -5.05
C GLY A 27 11.48 -7.39 -5.63
N GLU A 28 12.80 -7.51 -5.52
CA GLU A 28 13.68 -6.51 -6.13
C GLU A 28 13.62 -6.57 -7.65
N LYS A 29 13.41 -7.75 -8.22
CA LYS A 29 13.19 -7.83 -9.67
C LYS A 29 11.86 -7.21 -10.08
N ALA A 30 10.81 -7.46 -9.29
CA ALA A 30 9.47 -6.99 -9.65
C ALA A 30 9.31 -5.49 -9.45
N ALA A 31 10.06 -4.90 -8.53
CA ALA A 31 9.96 -3.46 -8.30
C ALA A 31 10.50 -2.65 -9.47
N ARG A 32 11.37 -3.23 -10.28
CA ARG A 32 11.89 -2.55 -11.47
C ARG A 32 11.00 -2.75 -12.69
N GLU A 33 9.90 -3.47 -12.55
CA GLU A 33 8.98 -3.68 -13.66
C GLU A 33 7.92 -2.58 -13.68
N VAL A 34 7.50 -2.22 -14.88
CA VAL A 34 6.49 -1.20 -15.08
C VAL A 34 5.14 -1.89 -15.26
N LYS A 35 4.19 -1.54 -14.43
CA LYS A 35 2.84 -2.09 -14.48
C LYS A 35 1.91 -1.06 -15.08
N LEU A 36 1.13 -1.47 -16.08
CA LEU A 36 0.19 -0.58 -16.75
C LEU A 36 -1.17 -1.23 -16.77
N LEU A 37 -2.20 -0.46 -16.38
CA LEU A 37 -3.58 -0.90 -16.45
C LEU A 37 -4.22 -0.25 -17.67
N LEU A 38 -4.68 -1.06 -18.61
CA LEU A 38 -5.24 -0.58 -19.85
C LEU A 38 -6.76 -0.55 -19.75
N LEU A 39 -7.33 0.63 -19.98
CA LEU A 39 -8.76 0.85 -19.87
C LEU A 39 -9.30 1.49 -21.15
N GLY A 40 -10.58 1.28 -21.38
CA GLY A 40 -11.21 1.85 -22.55
C GLY A 40 -12.65 1.38 -22.66
N ALA A 41 -13.27 1.74 -23.78
CA ALA A 41 -14.62 1.32 -24.09
C ALA A 41 -14.60 0.11 -25.02
N GLY A 42 -15.79 -0.44 -25.27
CA GLY A 42 -15.89 -1.60 -26.14
C GLY A 42 -15.54 -1.29 -27.59
N GLU A 43 -16.04 -0.17 -28.10
CA GLU A 43 -15.77 0.25 -29.48
C GLU A 43 -14.63 1.25 -29.57
N SER A 44 -13.96 1.55 -28.47
CA SER A 44 -12.84 2.48 -28.49
C SER A 44 -11.66 1.90 -29.26
N GLY A 45 -11.37 0.62 -29.07
CA GLY A 45 -10.32 -0.03 -29.81
C GLY A 45 -9.03 -0.15 -29.01
N LYS A 46 -8.81 -1.34 -28.44
CA LYS A 46 -7.60 -1.63 -27.69
C LYS A 46 -6.77 -2.74 -28.29
N ASN A 47 -7.37 -3.58 -29.15
CA ASN A 47 -6.62 -4.68 -29.76
C ASN A 47 -5.54 -4.17 -30.70
N THR A 48 -5.78 -3.04 -31.37
CA THR A 48 -4.74 -2.47 -32.22
C THR A 48 -3.59 -1.90 -31.40
N ILE A 49 -3.86 -1.42 -30.19
CA ILE A 49 -2.79 -0.92 -29.32
C ILE A 49 -1.92 -2.08 -28.84
N VAL A 50 -2.55 -3.17 -28.41
CA VAL A 50 -1.79 -4.34 -27.96
C VAL A 50 -1.03 -4.98 -29.12
N LYS A 51 -1.62 -4.95 -30.33
CA LYS A 51 -0.94 -5.46 -31.51
C LYS A 51 0.26 -4.59 -31.87
N GLN A 52 0.14 -3.28 -31.71
CA GLN A 52 1.25 -2.38 -32.00
C GLN A 52 2.35 -2.50 -30.95
N MET A 53 2.00 -2.76 -29.69
CA MET A 53 2.95 -2.81 -28.60
C MET A 53 3.50 -4.20 -28.34
N LYS A 54 3.16 -5.18 -29.18
CA LYS A 54 3.70 -6.53 -29.03
C LYS A 54 4.13 -7.09 -30.38
N THR A 182 -12.05 -15.02 -21.13
CA THR A 182 -12.43 -14.34 -19.90
C THR A 182 -11.19 -14.00 -19.07
N GLY A 183 -11.41 -13.58 -17.84
CA GLY A 183 -10.32 -13.19 -16.96
C GLY A 183 -9.74 -11.85 -17.38
N ILE A 184 -8.51 -11.60 -16.95
CA ILE A 184 -7.78 -10.45 -17.42
C ILE A 184 -6.54 -10.94 -18.17
N VAL A 185 -6.06 -10.11 -19.08
CA VAL A 185 -4.99 -10.46 -20.00
C VAL A 185 -3.75 -9.68 -19.62
N GLU A 186 -2.64 -10.38 -19.42
CA GLU A 186 -1.35 -9.76 -19.14
C GLU A 186 -0.48 -9.85 -20.39
N THR A 187 0.03 -8.72 -20.83
CA THR A 187 0.90 -8.63 -21.99
C THR A 187 2.26 -8.11 -21.54
N HIS A 188 3.31 -8.86 -21.83
CA HIS A 188 4.67 -8.50 -21.45
C HIS A 188 5.45 -8.11 -22.69
N PHE A 189 6.18 -6.99 -22.61
CA PHE A 189 7.06 -6.57 -23.68
C PHE A 189 8.18 -5.73 -23.10
N THR A 190 9.35 -5.82 -23.73
CA THR A 190 10.55 -5.13 -23.28
C THR A 190 10.95 -4.08 -24.31
N PHE A 191 11.11 -2.84 -23.85
CA PHE A 191 11.46 -1.73 -24.73
C PHE A 191 12.52 -0.89 -24.04
N LYS A 192 13.75 -0.96 -24.55
CA LYS A 192 14.90 -0.17 -24.10
C LYS A 192 15.19 -0.40 -22.62
N ASP A 193 15.45 -1.67 -22.30
CA ASP A 193 15.84 -2.14 -20.97
C ASP A 193 14.79 -1.84 -19.90
N LEU A 194 13.52 -1.79 -20.29
CA LEU A 194 12.41 -1.72 -19.35
C LEU A 194 11.44 -2.85 -19.63
N HIS A 195 11.07 -3.57 -18.57
CA HIS A 195 10.08 -4.64 -18.68
C HIS A 195 8.72 -4.06 -18.38
N PHE A 196 7.81 -4.16 -19.34
CA PHE A 196 6.46 -3.63 -19.20
C PHE A 196 5.48 -4.77 -18.93
N LYS A 197 4.54 -4.52 -18.03
CA LYS A 197 3.43 -5.43 -17.77
C LYS A 197 2.14 -4.66 -18.01
N MET A 198 1.40 -5.07 -19.03
CA MET A 198 0.16 -4.41 -19.42
C MET A 198 -1.02 -5.31 -19.06
N PHE A 199 -1.96 -4.78 -18.29
CA PHE A 199 -3.11 -5.53 -17.82
C PHE A 199 -4.38 -5.00 -18.47
N ASP A 200 -5.15 -5.89 -19.06
CA ASP A 200 -6.39 -5.55 -19.75
C ASP A 200 -7.55 -6.13 -18.95
N VAL A 201 -8.36 -5.25 -18.37
CA VAL A 201 -9.49 -5.65 -17.54
C VAL A 201 -10.81 -5.41 -18.26
N GLY A 202 -10.79 -5.30 -19.59
CA GLY A 202 -12.00 -5.02 -20.33
C GLY A 202 -12.96 -6.19 -20.40
N ALA A 203 -12.47 -7.41 -20.21
CA ALA A 203 -13.34 -8.57 -20.21
C ALA A 203 -14.04 -8.79 -18.88
N GLN A 204 -13.65 -8.07 -17.84
CA GLN A 204 -14.25 -8.22 -16.51
C GLN A 204 -15.60 -7.53 -16.49
N ARG A 205 -16.67 -8.30 -16.73
CA ARG A 205 -18.02 -7.74 -16.72
C ARG A 205 -18.69 -7.87 -15.35
N SER A 206 -18.01 -7.38 -14.33
CA SER A 206 -18.50 -7.40 -12.96
C SER A 206 -18.44 -5.99 -12.40
N GLU A 207 -18.84 -5.83 -11.14
CA GLU A 207 -18.81 -4.53 -10.48
C GLU A 207 -17.36 -4.16 -10.18
N ARG A 208 -16.86 -3.14 -10.85
CA ARG A 208 -15.45 -2.81 -10.78
C ARG A 208 -15.06 -2.14 -9.47
N LYS A 209 -16.03 -1.74 -8.66
CA LYS A 209 -15.72 -1.17 -7.34
C LYS A 209 -15.16 -2.20 -6.38
N LYS A 210 -15.28 -3.50 -6.68
CA LYS A 210 -14.83 -4.57 -5.80
C LYS A 210 -13.47 -5.11 -6.17
N TRP A 211 -12.86 -4.64 -7.27
CA TRP A 211 -11.51 -5.08 -7.61
C TRP A 211 -10.63 -3.97 -8.14
N ILE A 212 -11.07 -2.71 -8.14
CA ILE A 212 -10.22 -1.66 -8.66
C ILE A 212 -9.16 -1.24 -7.65
N HIS A 213 -9.31 -1.65 -6.38
CA HIS A 213 -8.25 -1.38 -5.42
C HIS A 213 -7.08 -2.34 -5.56
N CYS A 214 -7.23 -3.41 -6.35
CA CYS A 214 -6.13 -4.31 -6.62
C CYS A 214 -5.04 -3.65 -7.46
N PHE A 215 -5.38 -2.58 -8.17
CA PHE A 215 -4.44 -1.85 -9.01
C PHE A 215 -4.07 -0.51 -8.40
N GLU A 216 -4.13 -0.40 -7.07
CA GLU A 216 -3.76 0.85 -6.41
C GLU A 216 -2.28 1.16 -6.60
N GLY A 217 -1.44 0.15 -6.46
CA GLY A 217 -0.04 0.34 -6.80
C GLY A 217 0.22 -0.02 -8.25
N VAL A 218 0.21 0.97 -9.12
CA VAL A 218 0.43 0.75 -10.55
C VAL A 218 1.16 2.00 -11.04
N THR A 219 1.98 1.81 -12.07
CA THR A 219 2.77 2.94 -12.55
C THR A 219 1.89 3.96 -13.28
N ALA A 220 1.00 3.48 -14.14
CA ALA A 220 0.15 4.39 -14.90
C ALA A 220 -1.10 3.64 -15.37
N ILE A 221 -2.07 4.39 -15.84
CA ILE A 221 -3.27 3.88 -16.48
C ILE A 221 -3.30 4.38 -17.91
N ILE A 222 -3.49 3.47 -18.86
CA ILE A 222 -3.62 3.85 -20.27
C ILE A 222 -5.09 3.84 -20.62
N PHE A 223 -5.63 5.03 -20.88
CA PHE A 223 -7.03 5.18 -21.27
C PHE A 223 -7.09 5.42 -22.77
N CYS A 224 -7.65 4.48 -23.50
CA CYS A 224 -7.77 4.57 -24.94
C CYS A 224 -9.17 5.08 -25.29
N VAL A 225 -9.23 6.17 -26.04
CA VAL A 225 -10.47 6.76 -26.47
C VAL A 225 -10.43 6.91 -27.98
N ALA A 226 -11.37 6.27 -28.67
CA ALA A 226 -11.57 6.58 -30.08
C ALA A 226 -12.26 7.93 -30.19
N LEU A 227 -11.75 8.79 -31.06
CA LEU A 227 -12.42 10.06 -31.32
C LEU A 227 -13.14 10.03 -32.65
N SER A 228 -13.33 8.84 -33.20
CA SER A 228 -14.11 8.65 -34.41
C SER A 228 -15.57 8.32 -34.13
N ASP A 229 -15.98 8.28 -32.87
CA ASP A 229 -17.35 7.91 -32.52
C ASP A 229 -18.02 9.00 -31.69
N TYR A 230 -17.77 10.26 -32.02
CA TYR A 230 -18.56 11.34 -31.45
C TYR A 230 -19.97 11.36 -32.05
N ASP A 231 -20.11 10.95 -33.31
CA ASP A 231 -21.39 10.91 -33.98
C ASP A 231 -22.16 9.62 -33.74
N LEU A 232 -21.49 8.58 -33.23
CA LEU A 232 -22.17 7.31 -33.01
C LEU A 232 -22.88 7.32 -31.66
N VAL A 233 -23.64 6.24 -31.40
CA VAL A 233 -24.36 6.05 -30.16
C VAL A 233 -24.17 4.60 -29.77
N LEU A 234 -24.37 4.31 -28.48
CA LEU A 234 -24.13 2.97 -27.95
C LEU A 234 -25.08 1.96 -28.56
N GLU A 238 -29.65 4.30 -26.21
CA GLU A 238 -29.39 5.61 -26.78
C GLU A 238 -29.20 6.68 -25.71
N GLU A 239 -29.21 6.30 -24.43
CA GLU A 239 -29.27 7.30 -23.36
C GLU A 239 -28.01 8.14 -23.21
N MET A 240 -26.89 7.73 -23.82
CA MET A 240 -25.73 8.60 -23.91
C MET A 240 -24.96 8.29 -25.18
N ASN A 241 -24.16 9.28 -25.61
CA ASN A 241 -23.25 9.12 -26.73
C ASN A 241 -22.06 8.26 -26.31
N ARG A 242 -21.32 7.76 -27.30
CA ARG A 242 -20.12 6.98 -27.01
C ARG A 242 -19.04 7.83 -26.36
N MET A 243 -18.86 9.06 -26.86
CA MET A 243 -17.87 9.96 -26.28
C MET A 243 -18.27 10.38 -24.88
N HIS A 244 -19.58 10.54 -24.65
CA HIS A 244 -20.05 10.84 -23.30
C HIS A 244 -19.87 9.66 -22.36
N GLU A 245 -20.02 8.43 -22.85
CA GLU A 245 -19.73 7.26 -22.03
C GLU A 245 -18.24 7.18 -21.69
N SER A 246 -17.38 7.50 -22.66
CA SER A 246 -15.95 7.53 -22.40
C SER A 246 -15.59 8.62 -21.40
N MET A 247 -16.25 9.77 -21.49
CA MET A 247 -16.03 10.85 -20.54
C MET A 247 -16.48 10.47 -19.14
N LYS A 248 -17.60 9.75 -19.02
CA LYS A 248 -18.06 9.30 -17.71
C LYS A 248 -17.11 8.27 -17.11
N LEU A 249 -16.60 7.34 -17.93
CA LEU A 249 -15.64 6.37 -17.44
C LEU A 249 -14.34 7.05 -17.03
N PHE A 250 -13.90 8.05 -17.79
CA PHE A 250 -12.70 8.81 -17.44
C PHE A 250 -12.88 9.58 -16.15
N ASP A 251 -14.06 10.18 -15.95
CA ASP A 251 -14.33 10.89 -14.72
C ASP A 251 -14.41 9.94 -13.52
N SER A 252 -14.88 8.73 -13.73
CA SER A 252 -14.92 7.76 -12.64
C SER A 252 -13.52 7.26 -12.29
N ILE A 253 -12.70 6.97 -13.29
CA ILE A 253 -11.38 6.40 -13.03
C ILE A 253 -10.41 7.45 -12.50
N CYS A 254 -10.39 8.63 -13.12
CA CYS A 254 -9.43 9.67 -12.77
C CYS A 254 -9.65 10.19 -11.36
N ASN A 255 -10.90 10.31 -10.93
CA ASN A 255 -11.24 10.86 -9.63
C ASN A 255 -11.53 9.78 -8.59
N ASN A 256 -11.06 8.55 -8.83
CA ASN A 256 -11.23 7.47 -7.88
C ASN A 256 -10.32 7.68 -6.68
N LYS A 257 -10.72 7.10 -5.55
CA LYS A 257 -9.96 7.25 -4.32
C LYS A 257 -8.68 6.45 -4.32
N TRP A 258 -8.56 5.45 -5.19
CA TRP A 258 -7.38 4.62 -5.26
C TRP A 258 -6.35 5.12 -6.27
N PHE A 259 -6.70 6.13 -7.06
CA PHE A 259 -5.86 6.64 -8.13
C PHE A 259 -5.66 8.14 -7.99
N THR A 260 -5.35 8.58 -6.78
CA THR A 260 -5.11 10.01 -6.57
C THR A 260 -3.79 10.44 -7.18
N ASP A 261 -2.74 9.63 -7.03
CA ASP A 261 -1.42 9.96 -7.53
C ASP A 261 -0.99 9.07 -8.68
N THR A 262 -1.93 8.47 -9.40
CA THR A 262 -1.62 7.60 -10.52
C THR A 262 -1.89 8.34 -11.83
N SER A 263 -0.84 8.53 -12.63
CA SER A 263 -0.95 9.29 -13.86
C SER A 263 -1.70 8.49 -14.91
N ILE A 264 -2.26 9.20 -15.88
CA ILE A 264 -3.06 8.61 -16.94
C ILE A 264 -2.44 8.95 -18.28
N ILE A 265 -2.19 7.94 -19.10
CA ILE A 265 -1.73 8.12 -20.47
C ILE A 265 -2.93 7.97 -21.38
N LEU A 266 -3.28 9.03 -22.10
CA LEU A 266 -4.48 9.06 -22.92
C LEU A 266 -4.11 8.90 -24.38
N PHE A 267 -4.66 7.89 -25.03
CA PHE A 267 -4.56 7.71 -26.48
C PHE A 267 -5.85 8.13 -27.14
N LEU A 268 -5.73 8.93 -28.18
CA LEU A 268 -6.85 9.32 -29.03
C LEU A 268 -6.70 8.54 -30.33
N ASN A 269 -7.41 7.42 -30.43
CA ASN A 269 -7.28 6.50 -31.56
C ASN A 269 -8.23 6.88 -32.69
N LYS A 270 -7.88 6.39 -33.89
CA LYS A 270 -8.65 6.58 -35.12
C LYS A 270 -8.73 8.07 -35.50
N LYS A 271 -7.58 8.68 -35.70
CA LYS A 271 -7.55 10.06 -36.16
C LYS A 271 -7.80 10.17 -37.66
N ASP A 272 -7.58 9.09 -38.42
CA ASP A 272 -7.86 9.13 -39.85
C ASP A 272 -9.37 9.13 -40.12
N LEU A 273 -10.11 8.27 -39.41
CA LEU A 273 -11.56 8.28 -39.52
C LEU A 273 -12.15 9.56 -38.96
N PHE A 274 -11.52 10.13 -37.94
CA PHE A 274 -11.96 11.42 -37.40
C PHE A 274 -11.75 12.53 -38.41
N GLU A 275 -10.64 12.49 -39.15
CA GLU A 275 -10.40 13.48 -40.18
C GLU A 275 -11.37 13.32 -41.34
N GLU A 276 -11.68 12.08 -41.72
CA GLU A 276 -12.60 11.85 -42.82
C GLU A 276 -14.07 11.98 -42.42
N LYS A 277 -14.37 12.09 -41.12
CA LYS A 277 -15.73 12.23 -40.66
C LYS A 277 -16.10 13.64 -40.21
N ILE A 278 -15.12 14.47 -39.87
CA ILE A 278 -15.40 15.83 -39.43
C ILE A 278 -15.77 16.74 -40.59
N LYS A 279 -15.51 16.32 -41.84
CA LYS A 279 -15.90 17.12 -42.98
C LYS A 279 -17.42 17.11 -43.18
N LYS A 280 -18.03 15.93 -43.05
CA LYS A 280 -19.48 15.83 -43.21
C LYS A 280 -20.22 16.18 -41.93
N SER A 281 -19.98 15.42 -40.87
CA SER A 281 -20.71 15.59 -39.61
C SER A 281 -19.95 16.53 -38.68
N PRO A 282 -20.58 17.59 -38.20
CA PRO A 282 -19.90 18.52 -37.29
C PRO A 282 -19.84 17.97 -35.87
N LEU A 283 -18.99 18.60 -35.06
CA LEU A 283 -18.81 18.21 -33.68
C LEU A 283 -19.93 18.73 -32.77
N THR A 284 -20.82 19.56 -33.30
CA THR A 284 -21.98 20.05 -32.56
C THR A 284 -22.90 18.91 -32.12
N ILE A 285 -22.88 17.78 -32.83
CA ILE A 285 -23.70 16.62 -32.46
C ILE A 285 -23.29 16.08 -31.09
N CYS A 286 -21.99 15.99 -30.83
CA CYS A 286 -21.54 15.49 -29.53
C CYS A 286 -21.54 16.61 -28.48
N TYR A 287 -20.74 17.64 -28.70
CA TYR A 287 -20.69 18.78 -27.80
C TYR A 287 -21.48 19.93 -28.41
N PRO A 288 -22.66 20.26 -27.90
CA PRO A 288 -23.46 21.32 -28.54
C PRO A 288 -22.92 22.72 -28.29
N GLU A 289 -22.05 22.90 -27.31
CA GLU A 289 -21.51 24.22 -26.95
C GLU A 289 -20.13 24.44 -27.53
N TYR A 290 -19.86 23.93 -28.73
CA TYR A 290 -18.52 24.00 -29.30
C TYR A 290 -18.20 25.41 -29.79
N ALA A 291 -18.93 25.87 -30.81
CA ALA A 291 -18.79 27.20 -31.42
C ALA A 291 -17.34 27.50 -31.82
N GLY A 292 -16.82 26.67 -32.72
CA GLY A 292 -15.46 26.80 -33.18
C GLY A 292 -15.33 26.34 -34.61
N SER A 293 -14.11 26.45 -35.14
CA SER A 293 -13.86 26.05 -36.51
C SER A 293 -13.94 24.53 -36.66
N ASN A 294 -14.58 24.08 -37.72
CA ASN A 294 -14.80 22.65 -37.96
C ASN A 294 -13.68 22.04 -38.78
N THR A 295 -12.44 22.27 -38.36
CA THR A 295 -11.27 21.64 -38.95
C THR A 295 -10.84 20.47 -38.07
N TYR A 296 -9.79 19.77 -38.49
CA TYR A 296 -9.31 18.63 -37.72
C TYR A 296 -8.63 19.07 -36.44
N GLU A 297 -7.76 20.08 -36.52
CA GLU A 297 -6.89 20.43 -35.39
C GLU A 297 -7.67 21.06 -34.25
N GLU A 298 -8.58 21.99 -34.56
CA GLU A 298 -9.34 22.66 -33.51
C GLU A 298 -10.29 21.69 -32.82
N ALA A 299 -10.92 20.79 -33.59
CA ALA A 299 -11.83 19.80 -33.01
C ALA A 299 -11.07 18.81 -32.13
N ALA A 300 -9.89 18.38 -32.59
CA ALA A 300 -9.07 17.47 -31.79
C ALA A 300 -8.60 18.13 -30.51
N ALA A 301 -8.21 19.41 -30.58
CA ALA A 301 -7.79 20.14 -29.39
C ALA A 301 -8.95 20.31 -28.42
N TYR A 302 -10.15 20.55 -28.94
CA TYR A 302 -11.32 20.70 -28.07
C TYR A 302 -11.66 19.39 -27.38
N ILE A 303 -11.55 18.27 -28.09
CA ILE A 303 -11.80 16.95 -27.49
C ILE A 303 -10.78 16.66 -26.40
N GLN A 304 -9.49 16.94 -26.67
CA GLN A 304 -8.45 16.72 -25.68
C GLN A 304 -8.67 17.60 -24.44
N CYS A 305 -9.09 18.85 -24.66
CA CYS A 305 -9.36 19.73 -23.53
C CYS A 305 -10.58 19.25 -22.73
N GLN A 306 -11.57 18.67 -23.41
CA GLN A 306 -12.76 18.23 -22.69
C GLN A 306 -12.49 16.99 -21.84
N PHE A 307 -11.61 16.09 -22.30
CA PHE A 307 -11.16 15.03 -21.39
C PHE A 307 -10.25 15.54 -20.29
N GLU A 308 -9.35 16.49 -20.58
CA GLU A 308 -8.42 16.91 -19.55
C GLU A 308 -9.04 17.87 -18.54
N ASP A 309 -10.23 18.41 -18.81
CA ASP A 309 -10.92 19.24 -17.85
C ASP A 309 -11.70 18.44 -16.81
N LEU A 310 -11.77 17.12 -16.94
CA LEU A 310 -12.43 16.27 -15.96
C LEU A 310 -11.49 15.85 -14.84
N ASN A 311 -10.24 16.28 -14.87
CA ASN A 311 -9.24 15.98 -13.84
C ASN A 311 -9.50 16.91 -12.66
N LYS A 312 -10.32 16.45 -11.73
CA LYS A 312 -10.67 17.28 -10.58
C LYS A 312 -9.53 17.41 -9.58
N ARG A 313 -8.63 16.43 -9.54
CA ARG A 313 -7.45 16.54 -8.70
C ARG A 313 -6.54 17.68 -9.16
N LYS A 314 -5.96 17.51 -10.35
CA LYS A 314 -5.19 18.53 -11.06
C LYS A 314 -4.01 19.08 -10.25
N ASP A 315 -3.56 18.36 -9.24
CA ASP A 315 -2.41 18.78 -8.44
C ASP A 315 -1.43 17.68 -8.12
N THR A 316 -1.84 16.40 -8.16
CA THR A 316 -0.98 15.29 -7.78
C THR A 316 -1.01 14.17 -8.82
N LYS A 317 -1.51 14.45 -10.01
CA LYS A 317 -1.47 13.50 -11.11
C LYS A 317 -1.41 14.26 -12.42
N GLU A 318 -0.94 13.59 -13.47
CA GLU A 318 -0.74 14.20 -14.77
C GLU A 318 -1.41 13.36 -15.84
N ILE A 319 -1.84 14.02 -16.91
CA ILE A 319 -2.49 13.36 -18.04
C ILE A 319 -1.63 13.59 -19.28
N TYR A 320 -1.19 12.50 -19.89
CA TYR A 320 -0.39 12.53 -21.09
C TYR A 320 -1.26 12.14 -22.28
N THR A 321 -1.28 12.97 -23.32
CA THR A 321 -2.18 12.79 -24.45
C THR A 321 -1.40 12.55 -25.72
N HIS A 322 -1.79 11.51 -26.47
CA HIS A 322 -1.20 11.19 -27.75
C HIS A 322 -2.29 10.97 -28.78
N PHE A 323 -2.01 11.34 -30.02
CA PHE A 323 -2.91 11.12 -31.14
C PHE A 323 -2.34 9.99 -31.99
N THR A 324 -3.04 8.88 -32.04
CA THR A 324 -2.56 7.67 -32.70
C THR A 324 -3.39 7.38 -33.94
N CYS A 325 -2.91 6.43 -34.74
CA CYS A 325 -3.70 5.85 -35.82
C CYS A 325 -3.20 4.42 -36.05
N SER A 326 -3.90 3.70 -36.93
CA SER A 326 -3.56 2.30 -37.17
C SER A 326 -2.23 2.17 -37.90
N THR A 327 -1.99 3.01 -38.89
CA THR A 327 -0.75 2.94 -39.68
C THR A 327 0.33 3.85 -39.06
N ASP A 328 0.70 3.51 -37.83
CA ASP A 328 1.67 4.30 -37.08
C ASP A 328 2.28 3.42 -36.00
N THR A 329 3.61 3.29 -36.00
CA THR A 329 4.33 2.56 -34.96
C THR A 329 5.24 3.55 -34.24
N LYS A 330 4.66 4.28 -33.30
CA LYS A 330 5.39 5.18 -32.43
C LYS A 330 4.83 5.19 -31.02
N ASN A 331 3.84 4.35 -30.71
CA ASN A 331 3.10 4.47 -29.47
C ASN A 331 3.90 3.97 -28.29
N VAL A 332 4.75 2.97 -28.51
CA VAL A 332 5.60 2.43 -27.45
C VAL A 332 6.60 3.49 -27.00
N GLN A 333 7.05 4.33 -27.93
CA GLN A 333 7.92 5.45 -27.58
C GLN A 333 7.22 6.45 -26.68
N PHE A 334 5.94 6.75 -26.98
CA PHE A 334 5.19 7.66 -26.12
C PHE A 334 4.98 7.08 -24.73
N VAL A 335 4.67 5.78 -24.65
CA VAL A 335 4.50 5.15 -23.36
C VAL A 335 5.82 5.14 -22.58
N PHE A 336 6.93 4.91 -23.29
CA PHE A 336 8.26 4.93 -22.66
C PHE A 336 8.59 6.32 -22.10
N ASP A 337 8.30 7.37 -22.87
CA ASP A 337 8.58 8.72 -22.41
C ASP A 337 7.72 9.09 -21.20
N ALA A 338 6.42 8.77 -21.27
CA ALA A 338 5.52 9.07 -20.16
C ALA A 338 5.88 8.28 -18.91
N VAL A 339 6.28 7.02 -19.07
CA VAL A 339 6.59 6.24 -17.88
C VAL A 339 7.95 6.64 -17.30
N THR A 340 8.88 7.14 -18.13
CA THR A 340 10.11 7.69 -17.57
C THR A 340 9.82 8.94 -16.75
N ASP A 341 8.89 9.78 -17.23
CA ASP A 341 8.49 10.95 -16.44
C ASP A 341 7.83 10.53 -15.12
N VAL A 342 6.97 9.51 -15.17
CA VAL A 342 6.29 9.03 -13.96
C VAL A 342 7.30 8.43 -12.99
N ILE A 343 8.31 7.72 -13.51
CA ILE A 343 9.33 7.11 -12.67
C ILE A 343 10.19 8.17 -12.01
N ILE A 344 10.51 9.26 -12.73
CA ILE A 344 11.24 10.38 -12.14
C ILE A 344 10.43 11.00 -11.01
N LYS A 345 9.13 11.20 -11.22
CA LYS A 345 8.30 11.79 -10.17
C LYS A 345 8.18 10.87 -8.96
N ASN A 346 8.09 9.56 -9.18
CA ASN A 346 8.01 8.61 -8.08
C ASN A 346 9.30 8.56 -7.30
N ASN A 347 10.44 8.68 -7.98
CA ASN A 347 11.73 8.71 -7.30
C ASN A 347 11.90 9.99 -6.49
N LEU A 348 11.42 11.12 -7.02
CA LEU A 348 11.43 12.36 -6.25
C LEU A 348 10.53 12.26 -5.04
N LYS A 349 9.39 11.60 -5.17
CA LYS A 349 8.48 11.42 -4.03
C LYS A 349 9.09 10.50 -2.97
N ASP A 350 9.76 9.44 -3.41
CA ASP A 350 10.41 8.54 -2.45
C ASP A 350 11.58 9.21 -1.76
N CYS A 351 12.28 10.11 -2.46
CA CYS A 351 13.35 10.87 -1.81
C CYS A 351 12.83 11.94 -0.87
N GLY A 352 11.53 12.20 -0.86
CA GLY A 352 10.95 13.20 0.02
C GLY A 352 10.92 14.61 -0.52
N LEU A 353 11.30 14.82 -1.78
CA LEU A 353 11.39 16.17 -2.32
C LEU A 353 10.07 16.73 -2.79
N PHE A 354 9.00 15.93 -2.81
CA PHE A 354 7.68 16.44 -3.16
C PHE A 354 6.81 16.59 -1.93
N SER B 6 -49.38 -7.93 -18.43
CA SER B 6 -50.50 -8.67 -17.83
C SER B 6 -49.99 -9.85 -17.00
N GLU B 7 -49.37 -10.82 -17.68
CA GLU B 7 -48.81 -11.97 -16.98
C GLU B 7 -47.61 -11.56 -16.13
N LEU B 8 -46.79 -10.63 -16.64
CA LEU B 8 -45.67 -10.12 -15.85
C LEU B 8 -46.16 -9.34 -14.64
N ASP B 9 -47.21 -8.54 -14.81
CA ASP B 9 -47.78 -7.81 -13.67
C ASP B 9 -48.41 -8.77 -12.66
N GLN B 10 -49.06 -9.84 -13.13
CA GLN B 10 -49.62 -10.84 -12.24
C GLN B 10 -48.54 -11.56 -11.46
N LEU B 11 -47.42 -11.89 -12.12
CA LEU B 11 -46.31 -12.56 -11.44
C LEU B 11 -45.64 -11.62 -10.45
N ARG B 12 -45.55 -10.33 -10.78
CA ARG B 12 -45.02 -9.35 -9.84
C ARG B 12 -45.91 -9.20 -8.61
N GLN B 13 -47.24 -9.21 -8.82
CA GLN B 13 -48.17 -9.16 -7.70
C GLN B 13 -48.07 -10.40 -6.84
N GLU B 14 -47.89 -11.58 -7.46
CA GLU B 14 -47.71 -12.81 -6.71
C GLU B 14 -46.41 -12.79 -5.91
N ALA B 15 -45.34 -12.24 -6.49
CA ALA B 15 -44.07 -12.11 -5.77
C ALA B 15 -44.19 -11.17 -4.58
N GLU B 16 -44.92 -10.06 -4.75
CA GLU B 16 -45.15 -9.13 -3.65
C GLU B 16 -46.00 -9.78 -2.56
N GLN B 17 -47.00 -10.57 -2.95
CA GLN B 17 -47.83 -11.28 -1.99
C GLN B 17 -47.02 -12.30 -1.20
N LEU B 18 -46.13 -13.04 -1.87
CA LEU B 18 -45.29 -14.00 -1.18
C LEU B 18 -44.28 -13.31 -0.26
N LYS B 19 -43.77 -12.15 -0.68
CA LYS B 19 -42.85 -11.39 0.17
C LYS B 19 -43.54 -10.88 1.41
N ASN B 20 -44.76 -10.36 1.27
CA ASN B 20 -45.53 -9.94 2.44
C ASN B 20 -45.90 -11.12 3.32
N GLN B 21 -46.17 -12.28 2.73
CA GLN B 21 -46.48 -13.47 3.52
C GLN B 21 -45.29 -13.93 4.35
N ILE B 22 -44.10 -13.97 3.75
CA ILE B 22 -42.93 -14.40 4.51
C ILE B 22 -42.54 -13.34 5.54
N ARG B 23 -42.77 -12.05 5.25
CA ARG B 23 -42.53 -11.02 6.25
C ARG B 23 -43.47 -11.14 7.43
N ASP B 24 -44.75 -11.44 7.17
CA ASP B 24 -45.70 -11.63 8.25
C ASP B 24 -45.41 -12.90 9.05
N ALA B 25 -44.94 -13.95 8.37
CA ALA B 25 -44.60 -15.19 9.06
C ALA B 25 -43.37 -15.01 9.94
N ARG B 26 -42.38 -14.26 9.47
CA ARG B 26 -41.23 -13.97 10.32
C ARG B 26 -41.52 -12.91 11.37
N LYS B 27 -42.60 -12.15 11.22
CA LYS B 27 -43.04 -11.26 12.29
C LYS B 27 -43.77 -12.03 13.38
N ALA B 28 -44.48 -13.10 13.02
CA ALA B 28 -45.25 -13.86 13.99
C ALA B 28 -44.36 -14.68 14.91
N CYS B 29 -43.17 -15.07 14.45
CA CYS B 29 -42.22 -15.82 15.26
C CYS B 29 -41.16 -14.91 15.86
N ALA B 30 -41.54 -13.70 16.23
CA ALA B 30 -40.64 -12.68 16.75
C ALA B 30 -41.13 -12.17 18.11
N ASP B 31 -41.40 -13.11 19.02
CA ASP B 31 -41.99 -12.78 20.30
C ASP B 31 -41.05 -11.95 21.18
N ALA B 32 -39.76 -12.31 21.21
CA ALA B 32 -38.78 -11.60 22.03
C ALA B 32 -37.59 -11.21 21.16
N THR B 33 -36.58 -10.63 21.80
CA THR B 33 -35.35 -10.24 21.13
C THR B 33 -34.16 -10.79 21.90
N LEU B 34 -33.05 -11.00 21.17
CA LEU B 34 -31.85 -11.54 21.78
C LEU B 34 -31.23 -10.57 22.78
N SER B 35 -31.37 -9.27 22.54
CA SER B 35 -30.87 -8.27 23.48
C SER B 35 -31.64 -8.32 24.80
N GLN B 36 -32.95 -8.55 24.72
CA GLN B 36 -33.77 -8.57 25.92
C GLN B 36 -33.53 -9.85 26.74
N ILE B 37 -33.35 -10.98 26.06
CA ILE B 37 -33.20 -12.26 26.76
C ILE B 37 -31.85 -12.33 27.47
N THR B 38 -30.79 -11.89 26.79
CA THR B 38 -29.45 -11.92 27.38
C THR B 38 -29.09 -10.63 28.11
N ASN B 39 -30.09 -9.90 28.61
CA ASN B 39 -29.84 -8.69 29.38
C ASN B 39 -29.51 -8.99 30.83
N ASN B 40 -29.60 -10.25 31.27
CA ASN B 40 -29.32 -10.63 32.64
C ASN B 40 -28.19 -11.63 32.74
N ILE B 41 -27.39 -11.78 31.69
CA ILE B 41 -26.24 -12.66 31.70
C ILE B 41 -25.00 -11.85 32.04
N ASP B 42 -23.95 -12.54 32.46
CA ASP B 42 -22.74 -11.87 32.93
C ASP B 42 -21.93 -11.35 31.75
N PRO B 43 -21.66 -10.05 31.67
CA PRO B 43 -20.85 -9.54 30.57
C PRO B 43 -19.36 -9.82 30.75
N VAL B 44 -18.69 -10.15 29.65
CA VAL B 44 -17.24 -10.27 29.69
C VAL B 44 -16.63 -8.88 29.77
N GLY B 45 -15.59 -8.74 30.59
CA GLY B 45 -15.07 -7.43 30.89
C GLY B 45 -14.34 -6.75 29.76
N ARG B 46 -13.15 -7.26 29.44
CA ARG B 46 -12.29 -6.62 28.44
C ARG B 46 -11.31 -7.65 27.94
N ILE B 47 -11.34 -7.92 26.63
CA ILE B 47 -10.45 -8.89 26.03
C ILE B 47 -9.19 -8.16 25.59
N GLN B 48 -8.10 -8.38 26.32
CA GLN B 48 -6.83 -7.72 26.06
C GLN B 48 -5.91 -8.73 25.39
N MET B 49 -5.99 -8.80 24.07
CA MET B 49 -5.13 -9.67 23.30
C MET B 49 -3.87 -8.93 22.89
N ARG B 50 -2.78 -9.69 22.75
CA ARG B 50 -1.48 -9.11 22.45
C ARG B 50 -0.86 -9.86 21.28
N THR B 51 -0.05 -9.14 20.50
CA THR B 51 0.61 -9.73 19.35
C THR B 51 1.73 -10.64 19.82
N ARG B 52 1.65 -11.92 19.47
CA ARG B 52 2.68 -12.89 19.83
C ARG B 52 3.70 -13.07 18.72
N ARG B 53 3.24 -13.42 17.52
CA ARG B 53 4.11 -13.59 16.37
C ARG B 53 3.64 -12.67 15.24
N THR B 54 4.60 -12.00 14.61
CA THR B 54 4.33 -11.20 13.43
C THR B 54 5.03 -11.85 12.24
N LEU B 55 4.26 -12.20 11.22
CA LEU B 55 4.77 -12.95 10.08
C LEU B 55 5.16 -11.99 8.97
N ARG B 56 6.45 -11.98 8.63
CA ARG B 56 7.02 -11.09 7.63
C ARG B 56 7.48 -11.89 6.42
N GLY B 57 7.49 -11.24 5.26
CA GLY B 57 7.95 -11.90 4.06
C GLY B 57 7.17 -11.55 2.81
N HIS B 58 5.91 -11.17 2.97
CA HIS B 58 5.12 -10.73 1.84
C HIS B 58 5.46 -9.28 1.50
N LEU B 59 5.52 -8.98 0.21
CA LEU B 59 5.93 -7.67 -0.26
C LEU B 59 4.79 -6.83 -0.81
N ALA B 60 3.58 -7.39 -0.88
CA ALA B 60 2.41 -6.62 -1.27
C ALA B 60 1.27 -6.91 -0.30
N LYS B 61 0.08 -6.39 -0.59
CA LYS B 61 -1.02 -6.46 0.35
C LYS B 61 -1.58 -7.88 0.44
N ILE B 62 -1.85 -8.31 1.67
CA ILE B 62 -2.48 -9.61 1.92
C ILE B 62 -3.96 -9.49 1.60
N TYR B 63 -4.47 -10.44 0.82
CA TYR B 63 -5.89 -10.48 0.55
C TYR B 63 -6.62 -11.62 1.24
N ALA B 64 -5.94 -12.71 1.57
CA ALA B 64 -6.61 -13.84 2.19
C ALA B 64 -5.62 -14.64 3.02
N MET B 65 -6.10 -15.17 4.14
CA MET B 65 -5.40 -16.21 4.88
C MET B 65 -6.40 -17.29 5.27
N HIS B 66 -5.89 -18.50 5.45
CA HIS B 66 -6.69 -19.58 5.99
C HIS B 66 -5.84 -20.42 6.94
N TRP B 67 -6.46 -20.87 8.01
CA TRP B 67 -5.79 -21.70 8.99
C TRP B 67 -5.85 -23.16 8.58
N GLY B 68 -4.95 -23.95 9.13
CA GLY B 68 -5.03 -25.38 9.00
C GLY B 68 -5.90 -26.00 10.08
N THR B 69 -6.17 -27.28 9.92
CA THR B 69 -6.91 -28.01 10.94
C THR B 69 -6.03 -28.45 12.10
N ASP B 70 -4.71 -28.35 11.97
CA ASP B 70 -3.79 -28.65 13.05
C ASP B 70 -3.49 -27.43 13.92
N SER B 71 -4.08 -26.28 13.58
CA SER B 71 -3.95 -25.01 14.30
C SER B 71 -2.51 -24.52 14.38
N ARG B 72 -1.68 -24.93 13.44
CA ARG B 72 -0.29 -24.48 13.41
C ARG B 72 0.12 -23.96 12.04
N LEU B 73 -0.35 -24.57 10.96
CA LEU B 73 0.01 -24.18 9.62
C LEU B 73 -1.07 -23.29 9.03
N LEU B 74 -0.65 -22.15 8.47
CA LEU B 74 -1.57 -21.23 7.82
C LEU B 74 -1.00 -20.79 6.49
N VAL B 75 -1.87 -20.65 5.49
CA VAL B 75 -1.49 -20.19 4.17
C VAL B 75 -1.99 -18.76 4.00
N SER B 76 -1.22 -17.97 3.26
CA SER B 76 -1.57 -16.57 3.01
C SER B 76 -1.40 -16.27 1.53
N ALA B 77 -2.23 -15.35 1.04
CA ALA B 77 -2.23 -14.94 -0.35
C ALA B 77 -1.94 -13.45 -0.43
N SER B 78 -1.13 -13.06 -1.41
CA SER B 78 -0.79 -11.66 -1.59
C SER B 78 -0.58 -11.38 -3.06
N GLN B 79 -0.70 -10.11 -3.43
CA GLN B 79 -0.61 -9.62 -4.79
C GLN B 79 0.80 -9.66 -5.37
N ASP B 80 1.78 -10.22 -4.68
CA ASP B 80 3.13 -10.40 -5.22
C ASP B 80 3.27 -11.72 -5.94
N GLY B 81 2.17 -12.42 -6.20
CA GLY B 81 2.22 -13.72 -6.82
C GLY B 81 2.82 -14.79 -5.93
N LYS B 82 2.54 -14.76 -4.63
CA LYS B 82 3.10 -15.69 -3.68
C LYS B 82 2.02 -16.26 -2.79
N LEU B 83 2.21 -17.51 -2.39
CA LEU B 83 1.31 -18.24 -1.49
C LEU B 83 2.19 -18.90 -0.44
N ILE B 84 2.43 -18.20 0.66
CA ILE B 84 3.35 -18.66 1.68
C ILE B 84 2.59 -19.48 2.72
N ILE B 85 3.12 -20.66 3.03
CA ILE B 85 2.61 -21.50 4.10
C ILE B 85 3.52 -21.34 5.30
N TRP B 86 2.95 -20.89 6.42
CA TRP B 86 3.73 -20.51 7.59
C TRP B 86 3.59 -21.56 8.69
N ASP B 87 4.65 -21.70 9.47
CA ASP B 87 4.61 -22.40 10.74
C ASP B 87 4.45 -21.32 11.82
N SER B 88 3.26 -21.25 12.40
CA SER B 88 2.91 -20.13 13.27
C SER B 88 3.65 -20.20 14.59
N TYR B 89 4.05 -21.39 15.03
CA TYR B 89 4.70 -21.52 16.32
C TYR B 89 6.12 -20.96 16.30
N THR B 90 6.84 -21.23 15.21
CA THR B 90 8.25 -20.85 15.11
C THR B 90 8.48 -19.65 14.21
N THR B 91 7.44 -19.16 13.52
CA THR B 91 7.50 -18.03 12.59
C THR B 91 8.57 -18.27 11.53
N ASN B 92 8.32 -19.29 10.72
CA ASN B 92 9.20 -19.59 9.59
C ASN B 92 8.39 -20.25 8.50
N LYS B 93 8.89 -20.14 7.28
CA LYS B 93 8.13 -20.47 6.08
C LYS B 93 8.40 -21.89 5.64
N VAL B 94 7.34 -22.64 5.42
CA VAL B 94 7.44 -24.01 4.95
C VAL B 94 7.50 -24.07 3.42
N HIS B 95 6.65 -23.27 2.75
CA HIS B 95 6.59 -23.25 1.31
C HIS B 95 6.35 -21.83 0.83
N ALA B 96 6.82 -21.54 -0.38
CA ALA B 96 6.55 -20.28 -1.07
C ALA B 96 6.17 -20.62 -2.50
N ILE B 97 4.88 -20.60 -2.79
CA ILE B 97 4.35 -21.08 -4.06
C ILE B 97 4.22 -19.88 -5.00
N PRO B 98 4.91 -19.88 -6.14
CA PRO B 98 4.73 -18.79 -7.11
C PRO B 98 3.53 -19.04 -8.01
N LEU B 99 2.62 -18.07 -8.04
CA LEU B 99 1.38 -18.21 -8.79
C LEU B 99 1.56 -17.73 -10.22
N ARG B 100 0.79 -18.34 -11.13
CA ARG B 100 0.83 -17.93 -12.53
C ARG B 100 0.21 -16.56 -12.73
N SER B 101 -0.84 -16.26 -11.99
CA SER B 101 -1.46 -14.94 -11.99
C SER B 101 -1.30 -14.33 -10.60
N SER B 102 -0.82 -13.09 -10.55
CA SER B 102 -0.54 -12.43 -9.29
C SER B 102 -1.76 -11.78 -8.67
N TRP B 103 -2.92 -11.86 -9.32
CA TRP B 103 -4.12 -11.17 -8.85
C TRP B 103 -4.99 -12.14 -8.07
N VAL B 104 -4.46 -12.59 -6.95
CA VAL B 104 -5.14 -13.54 -6.09
C VAL B 104 -6.06 -12.75 -5.15
N MET B 105 -7.26 -13.29 -4.92
CA MET B 105 -8.21 -12.70 -4.00
C MET B 105 -8.71 -13.64 -2.93
N THR B 106 -8.36 -14.93 -3.00
CA THR B 106 -8.80 -15.88 -1.99
C THR B 106 -7.76 -16.99 -1.88
N CYS B 107 -7.75 -17.63 -0.71
CA CYS B 107 -6.91 -18.80 -0.51
C CYS B 107 -7.61 -19.74 0.46
N ALA B 108 -7.39 -21.04 0.28
CA ALA B 108 -8.01 -22.05 1.10
C ALA B 108 -6.98 -23.11 1.45
N TYR B 109 -7.17 -23.73 2.61
CA TYR B 109 -6.31 -24.81 3.08
C TYR B 109 -7.19 -26.05 3.23
N ALA B 110 -6.78 -27.15 2.62
CA ALA B 110 -7.57 -28.36 2.70
C ALA B 110 -7.54 -28.94 4.10
N PRO B 111 -8.65 -29.54 4.56
CA PRO B 111 -8.66 -30.13 5.91
C PRO B 111 -7.66 -31.24 6.13
N SER B 112 -7.33 -32.00 5.08
CA SER B 112 -6.27 -33.00 5.19
C SER B 112 -4.89 -32.39 5.18
N GLY B 113 -4.75 -31.16 4.70
CA GLY B 113 -3.47 -30.51 4.60
C GLY B 113 -2.68 -30.84 3.36
N ASN B 114 -3.23 -31.64 2.46
CA ASN B 114 -2.49 -32.05 1.27
C ASN B 114 -2.55 -31.03 0.15
N TYR B 115 -3.50 -30.10 0.19
CA TYR B 115 -3.72 -29.18 -0.91
C TYR B 115 -3.99 -27.78 -0.38
N VAL B 116 -3.65 -26.79 -1.22
CA VAL B 116 -4.05 -25.41 -1.01
C VAL B 116 -4.67 -24.92 -2.33
N ALA B 117 -5.52 -23.92 -2.21
CA ALA B 117 -6.22 -23.36 -3.36
C ALA B 117 -6.03 -21.84 -3.37
N CYS B 118 -6.15 -21.27 -4.56
CA CYS B 118 -6.16 -19.82 -4.70
C CYS B 118 -6.89 -19.45 -5.98
N GLY B 119 -7.29 -18.20 -6.08
CA GLY B 119 -7.96 -17.71 -7.26
C GLY B 119 -8.13 -16.22 -7.19
N GLY B 120 -8.67 -15.66 -8.26
CA GLY B 120 -8.86 -14.22 -8.33
C GLY B 120 -9.32 -13.72 -9.69
N LEU B 121 -8.61 -12.72 -10.21
CA LEU B 121 -9.02 -12.03 -11.43
C LEU B 121 -8.82 -12.87 -12.69
N ASP B 122 -8.13 -14.01 -12.61
CA ASP B 122 -7.98 -14.91 -13.74
C ASP B 122 -9.15 -15.87 -13.89
N ASN B 123 -10.11 -15.83 -12.96
CA ASN B 123 -11.31 -16.68 -12.94
C ASN B 123 -10.99 -18.17 -12.88
N ILE B 124 -9.87 -18.53 -12.25
CA ILE B 124 -9.41 -19.91 -12.19
C ILE B 124 -9.12 -20.27 -10.74
N CYS B 125 -9.71 -21.37 -10.26
CA CYS B 125 -9.37 -21.95 -8.96
C CYS B 125 -8.22 -22.93 -9.18
N SER B 126 -7.02 -22.52 -8.81
CA SER B 126 -5.83 -23.36 -8.96
C SER B 126 -5.59 -24.12 -7.67
N ILE B 127 -5.40 -25.43 -7.79
CA ILE B 127 -5.21 -26.32 -6.65
C ILE B 127 -3.79 -26.86 -6.70
N TYR B 128 -3.07 -26.70 -5.58
CA TYR B 128 -1.66 -27.02 -5.50
C TYR B 128 -1.43 -28.25 -4.63
N ASN B 129 -0.62 -29.18 -5.10
CA ASN B 129 -0.26 -30.37 -4.35
C ASN B 129 0.96 -30.09 -3.49
N LEU B 130 0.81 -30.14 -2.17
CA LEU B 130 1.92 -29.87 -1.28
C LEU B 130 2.78 -31.11 -1.04
N LYS B 131 2.16 -32.29 -0.99
CA LYS B 131 2.86 -33.52 -0.65
C LYS B 131 3.11 -34.31 -1.95
N THR B 132 4.19 -33.95 -2.62
CA THR B 132 4.63 -34.61 -3.83
C THR B 132 5.94 -35.36 -3.58
N ARG B 133 6.23 -36.31 -4.46
CA ARG B 133 7.48 -37.06 -4.35
C ARG B 133 8.68 -36.16 -4.64
N GLU B 134 8.56 -35.27 -5.60
CA GLU B 134 9.52 -34.19 -5.75
C GLU B 134 9.37 -33.21 -4.61
N GLY B 135 10.38 -32.39 -4.41
CA GLY B 135 10.31 -31.48 -3.29
C GLY B 135 9.50 -30.23 -3.50
N ASN B 136 8.94 -30.03 -4.69
CA ASN B 136 8.25 -28.81 -5.02
C ASN B 136 6.75 -28.94 -4.78
N VAL B 137 6.06 -27.82 -4.87
CA VAL B 137 4.61 -27.75 -4.83
C VAL B 137 4.15 -27.42 -6.25
N ARG B 138 3.48 -28.37 -6.89
CA ARG B 138 3.07 -28.22 -8.27
C ARG B 138 1.56 -28.05 -8.38
N VAL B 139 1.11 -27.58 -9.53
CA VAL B 139 -0.31 -27.34 -9.77
C VAL B 139 -0.97 -28.67 -10.07
N SER B 140 -1.99 -29.02 -9.30
CA SER B 140 -2.76 -30.22 -9.58
C SER B 140 -3.81 -29.96 -10.65
N ARG B 141 -4.64 -28.94 -10.45
CA ARG B 141 -5.75 -28.65 -11.35
C ARG B 141 -5.91 -27.15 -11.51
N GLU B 142 -6.52 -26.77 -12.63
CA GLU B 142 -6.90 -25.39 -12.92
C GLU B 142 -8.37 -25.43 -13.31
N LEU B 143 -9.25 -25.22 -12.34
CA LEU B 143 -10.68 -25.28 -12.58
C LEU B 143 -11.13 -23.97 -13.21
N ALA B 144 -11.59 -24.03 -14.47
CA ALA B 144 -11.92 -22.84 -15.24
C ALA B 144 -13.31 -23.00 -15.84
N GLY B 145 -14.32 -22.48 -15.15
CA GLY B 145 -15.66 -22.41 -15.69
C GLY B 145 -16.38 -21.13 -15.32
N HIS B 146 -15.74 -20.31 -14.49
CA HIS B 146 -16.37 -19.09 -14.01
C HIS B 146 -16.17 -17.95 -15.00
N THR B 147 -17.14 -17.05 -15.04
CA THR B 147 -17.07 -15.89 -15.93
C THR B 147 -16.43 -14.69 -15.25
N GLY B 148 -16.66 -14.51 -13.95
CA GLY B 148 -16.10 -13.43 -13.20
C GLY B 148 -15.07 -13.89 -12.19
N TYR B 149 -14.55 -12.91 -11.45
CA TYR B 149 -13.46 -13.14 -10.51
C TYR B 149 -13.91 -14.00 -9.34
N LEU B 150 -13.04 -14.91 -8.92
CA LEU B 150 -13.30 -15.72 -7.73
C LEU B 150 -13.08 -14.91 -6.47
N SER B 151 -14.05 -14.97 -5.56
CA SER B 151 -14.01 -14.22 -4.32
C SER B 151 -13.68 -15.07 -3.11
N CYS B 152 -14.12 -16.33 -3.09
CA CYS B 152 -13.83 -17.22 -1.97
C CYS B 152 -13.86 -18.65 -2.46
N CYS B 153 -13.01 -19.48 -1.86
CA CYS B 153 -12.99 -20.91 -2.13
C CYS B 153 -12.85 -21.64 -0.80
N ARG B 154 -13.55 -22.75 -0.67
CA ARG B 154 -13.53 -23.56 0.55
C ARG B 154 -13.55 -25.03 0.18
N PHE B 155 -12.71 -25.81 0.85
CA PHE B 155 -12.59 -27.23 0.58
C PHE B 155 -13.66 -28.02 1.35
N LEU B 156 -14.33 -28.92 0.66
CA LEU B 156 -15.18 -29.91 1.32
C LEU B 156 -14.37 -31.12 1.77
N ASP B 157 -13.57 -31.66 0.86
CA ASP B 157 -12.59 -32.70 1.14
C ASP B 157 -11.52 -32.59 0.06
N ASP B 158 -10.73 -33.65 -0.12
CA ASP B 158 -9.64 -33.62 -1.09
C ASP B 158 -10.13 -33.56 -2.52
N ASN B 159 -11.39 -33.88 -2.79
CA ASN B 159 -11.91 -33.95 -4.15
C ASN B 159 -12.96 -32.91 -4.47
N GLN B 160 -13.50 -32.20 -3.48
CA GLN B 160 -14.55 -31.23 -3.71
C GLN B 160 -14.14 -29.86 -3.17
N ILE B 161 -14.51 -28.81 -3.90
CA ILE B 161 -14.26 -27.44 -3.49
C ILE B 161 -15.44 -26.59 -3.94
N VAL B 162 -15.82 -25.63 -3.11
CA VAL B 162 -16.93 -24.72 -3.39
C VAL B 162 -16.34 -23.34 -3.60
N THR B 163 -16.63 -22.75 -4.76
CA THR B 163 -16.08 -21.46 -5.14
C THR B 163 -17.19 -20.44 -5.31
N SER B 164 -16.95 -19.23 -4.82
CA SER B 164 -17.83 -18.08 -5.02
C SER B 164 -17.17 -17.13 -5.99
N SER B 165 -17.94 -16.66 -6.96
CA SER B 165 -17.40 -15.81 -8.01
C SER B 165 -18.25 -14.56 -8.17
N GLY B 166 -17.69 -13.59 -8.89
CA GLY B 166 -18.35 -12.32 -9.11
C GLY B 166 -19.22 -12.29 -10.34
N ASP B 167 -19.50 -13.45 -10.93
CA ASP B 167 -20.45 -13.56 -12.03
C ASP B 167 -21.82 -14.00 -11.55
N THR B 168 -22.14 -13.70 -10.28
CA THR B 168 -23.42 -13.99 -9.64
C THR B 168 -23.70 -15.50 -9.65
N THR B 169 -22.75 -16.25 -9.11
CA THR B 169 -22.73 -17.71 -9.21
C THR B 169 -21.77 -18.34 -8.20
N CYS B 170 -22.26 -19.30 -7.42
CA CYS B 170 -21.43 -20.20 -6.66
C CYS B 170 -21.41 -21.56 -7.33
N ALA B 171 -20.27 -22.24 -7.25
CA ALA B 171 -20.10 -23.52 -7.94
C ALA B 171 -19.42 -24.52 -7.03
N LEU B 172 -19.77 -25.79 -7.20
CA LEU B 172 -19.15 -26.90 -6.50
C LEU B 172 -18.44 -27.79 -7.52
N TRP B 173 -17.16 -28.05 -7.29
CA TRP B 173 -16.30 -28.69 -8.27
C TRP B 173 -15.92 -30.10 -7.85
N ASP B 174 -15.60 -30.91 -8.85
CA ASP B 174 -14.94 -32.20 -8.67
C ASP B 174 -13.53 -32.04 -9.22
N ILE B 175 -12.54 -32.16 -8.34
CA ILE B 175 -11.16 -31.80 -8.70
C ILE B 175 -10.56 -32.80 -9.67
N GLU B 176 -10.83 -34.10 -9.46
CA GLU B 176 -10.25 -35.13 -10.33
C GLU B 176 -10.75 -35.01 -11.76
N THR B 177 -12.06 -34.79 -11.93
CA THR B 177 -12.60 -34.59 -13.27
C THR B 177 -12.31 -33.20 -13.80
N GLY B 178 -12.28 -32.19 -12.93
CA GLY B 178 -12.10 -30.82 -13.33
C GLY B 178 -13.37 -30.08 -13.68
N GLN B 179 -14.51 -30.73 -13.62
CA GLN B 179 -15.79 -30.12 -13.98
C GLN B 179 -16.57 -29.75 -12.73
N GLN B 180 -17.56 -28.87 -12.93
CA GLN B 180 -18.43 -28.43 -11.84
C GLN B 180 -19.69 -29.27 -11.83
N THR B 181 -20.03 -29.80 -10.65
CA THR B 181 -21.18 -30.69 -10.52
C THR B 181 -22.47 -29.93 -10.24
N THR B 182 -22.38 -28.85 -9.45
CA THR B 182 -23.55 -28.07 -9.08
C THR B 182 -23.24 -26.60 -9.28
N THR B 183 -24.21 -25.88 -9.86
CA THR B 183 -24.13 -24.43 -10.03
C THR B 183 -25.23 -23.79 -9.19
N PHE B 184 -24.86 -22.90 -8.29
CA PHE B 184 -25.79 -22.22 -7.40
C PHE B 184 -26.08 -20.84 -7.98
N THR B 185 -27.26 -20.67 -8.54
CA THR B 185 -27.64 -19.44 -9.26
C THR B 185 -28.97 -18.93 -8.72
N GLY B 186 -28.91 -18.07 -7.72
CA GLY B 186 -30.10 -17.39 -7.25
C GLY B 186 -29.88 -15.94 -6.91
N HIS B 187 -28.63 -15.49 -6.94
CA HIS B 187 -28.28 -14.17 -6.47
C HIS B 187 -28.60 -13.12 -7.52
N THR B 188 -28.27 -11.86 -7.22
CA THR B 188 -28.40 -10.76 -8.15
C THR B 188 -27.10 -9.99 -8.35
N GLY B 189 -26.31 -9.82 -7.28
CA GLY B 189 -25.02 -9.16 -7.38
C GLY B 189 -23.87 -10.14 -7.27
N ASP B 190 -22.67 -9.58 -7.14
CA ASP B 190 -21.47 -10.38 -7.05
C ASP B 190 -21.37 -11.05 -5.68
N VAL B 191 -21.13 -12.36 -5.68
CA VAL B 191 -20.95 -13.10 -4.45
C VAL B 191 -19.56 -12.85 -3.92
N MET B 192 -19.45 -12.42 -2.67
CA MET B 192 -18.18 -11.97 -2.12
C MET B 192 -17.61 -12.86 -1.02
N SER B 193 -18.43 -13.68 -0.36
CA SER B 193 -17.96 -14.45 0.78
C SER B 193 -18.62 -15.81 0.81
N LEU B 194 -17.95 -16.75 1.47
CA LEU B 194 -18.44 -18.11 1.66
C LEU B 194 -18.21 -18.52 3.10
N SER B 195 -19.04 -19.45 3.57
CA SER B 195 -18.82 -20.09 4.86
C SER B 195 -19.45 -21.46 4.82
N LEU B 196 -18.66 -22.49 5.09
CA LEU B 196 -19.16 -23.86 5.17
C LEU B 196 -19.62 -24.17 6.59
N ALA B 197 -20.71 -24.90 6.70
CA ALA B 197 -21.19 -25.36 7.98
C ALA B 197 -20.26 -26.42 8.54
N PRO B 198 -20.24 -26.61 9.86
CA PRO B 198 -19.39 -27.66 10.46
C PRO B 198 -19.70 -29.07 9.97
N ASP B 199 -20.96 -29.40 9.70
CA ASP B 199 -21.27 -30.73 9.20
C ASP B 199 -21.01 -30.89 7.71
N THR B 200 -20.69 -29.79 7.02
CA THR B 200 -20.27 -29.75 5.61
C THR B 200 -21.36 -30.34 4.71
N ARG B 201 -22.56 -29.81 4.87
CA ARG B 201 -23.71 -30.19 4.06
C ARG B 201 -24.47 -29.01 3.50
N LEU B 202 -24.16 -27.79 3.94
CA LEU B 202 -24.89 -26.59 3.56
C LEU B 202 -24.00 -25.40 3.83
N PHE B 203 -24.20 -24.32 3.07
CA PHE B 203 -23.32 -23.18 3.19
C PHE B 203 -24.08 -21.89 2.90
N VAL B 204 -23.56 -20.79 3.45
CA VAL B 204 -24.11 -19.46 3.24
C VAL B 204 -23.17 -18.67 2.35
N SER B 205 -23.74 -17.72 1.62
CA SER B 205 -22.99 -16.89 0.68
C SER B 205 -23.51 -15.48 0.75
N GLY B 206 -22.65 -14.53 1.09
CA GLY B 206 -23.01 -13.12 1.13
C GLY B 206 -22.59 -12.45 -0.16
N ALA B 207 -23.53 -11.73 -0.76
CA ALA B 207 -23.33 -11.12 -2.07
C ALA B 207 -23.47 -9.61 -1.99
N CYS B 208 -23.46 -8.97 -3.16
CA CYS B 208 -23.51 -7.52 -3.28
C CYS B 208 -24.93 -6.98 -3.46
N ASP B 209 -25.95 -7.82 -3.30
CA ASP B 209 -27.33 -7.37 -3.32
C ASP B 209 -27.89 -7.16 -1.92
N ALA B 210 -27.00 -7.05 -0.92
CA ALA B 210 -27.35 -6.99 0.50
C ALA B 210 -28.19 -8.19 0.92
N SER B 211 -27.77 -9.36 0.49
CA SER B 211 -28.48 -10.60 0.78
C SER B 211 -27.49 -11.71 1.07
N ALA B 212 -27.91 -12.64 1.92
CA ALA B 212 -27.18 -13.87 2.18
C ALA B 212 -28.12 -15.04 1.97
N LYS B 213 -27.63 -16.08 1.30
CA LYS B 213 -28.46 -17.20 0.89
C LYS B 213 -27.91 -18.49 1.47
N LEU B 214 -28.80 -19.30 2.05
CA LEU B 214 -28.44 -20.60 2.59
C LEU B 214 -28.62 -21.65 1.51
N TRP B 215 -27.52 -22.23 1.05
CA TRP B 215 -27.52 -23.21 -0.03
C TRP B 215 -27.42 -24.62 0.52
N ASP B 216 -27.88 -25.58 -0.26
CA ASP B 216 -27.72 -27.00 0.04
C ASP B 216 -26.77 -27.61 -0.99
N VAL B 217 -25.74 -28.30 -0.51
CA VAL B 217 -24.68 -28.77 -1.39
C VAL B 217 -25.18 -29.89 -2.28
N ARG B 218 -25.86 -30.88 -1.70
CA ARG B 218 -26.33 -32.01 -2.49
C ARG B 218 -27.53 -31.65 -3.36
N GLU B 219 -28.48 -30.92 -2.80
CA GLU B 219 -29.70 -30.59 -3.54
C GLU B 219 -29.47 -29.50 -4.58
N GLY B 220 -28.60 -28.53 -4.28
CA GLY B 220 -28.31 -27.48 -5.23
C GLY B 220 -29.31 -26.35 -5.27
N MET B 221 -30.18 -26.25 -4.27
CA MET B 221 -31.20 -25.21 -4.24
C MET B 221 -31.02 -24.31 -3.03
N CYS B 222 -31.39 -23.04 -3.18
CA CYS B 222 -31.37 -22.12 -2.06
C CYS B 222 -32.54 -22.40 -1.12
N ARG B 223 -32.25 -22.39 0.17
CA ARG B 223 -33.26 -22.70 1.18
C ARG B 223 -33.78 -21.45 1.89
N GLN B 224 -32.90 -20.49 2.18
CA GLN B 224 -33.29 -19.29 2.90
C GLN B 224 -32.59 -18.09 2.30
N THR B 225 -33.25 -16.93 2.38
CA THR B 225 -32.68 -15.66 1.95
C THR B 225 -32.80 -14.66 3.10
N PHE B 226 -31.70 -13.98 3.41
CA PHE B 226 -31.63 -13.09 4.56
C PHE B 226 -31.32 -11.69 4.08
N THR B 227 -32.28 -10.78 4.24
CA THR B 227 -32.21 -9.42 3.71
C THR B 227 -32.34 -8.43 4.86
N GLY B 228 -31.22 -8.06 5.46
CA GLY B 228 -31.23 -7.03 6.48
C GLY B 228 -30.28 -5.89 6.23
N HIS B 229 -29.20 -6.14 5.49
CA HIS B 229 -28.16 -5.15 5.28
C HIS B 229 -28.61 -4.12 4.25
N GLU B 230 -27.87 -3.01 4.20
CA GLU B 230 -28.15 -1.94 3.26
C GLU B 230 -26.97 -1.68 2.33
N SER B 231 -25.98 -2.56 2.30
CA SER B 231 -24.83 -2.39 1.44
C SER B 231 -24.25 -3.77 1.13
N ASP B 232 -23.05 -3.78 0.54
CA ASP B 232 -22.46 -5.01 0.05
C ASP B 232 -21.92 -5.85 1.18
N ILE B 233 -22.33 -7.11 1.25
CA ILE B 233 -21.80 -8.03 2.26
C ILE B 233 -20.45 -8.53 1.78
N ASN B 234 -19.40 -8.27 2.58
CA ASN B 234 -18.05 -8.68 2.24
C ASN B 234 -17.58 -9.92 2.99
N ALA B 235 -18.25 -10.28 4.09
CA ALA B 235 -17.76 -11.34 4.95
C ALA B 235 -18.93 -12.10 5.55
N ILE B 236 -18.73 -13.41 5.74
CA ILE B 236 -19.75 -14.27 6.30
C ILE B 236 -19.05 -15.40 7.04
N CYS B 237 -19.69 -15.87 8.11
CA CYS B 237 -19.10 -16.90 8.97
C CYS B 237 -20.19 -17.55 9.81
N PHE B 238 -20.25 -18.87 9.80
CA PHE B 238 -21.16 -19.60 10.67
C PHE B 238 -20.80 -19.46 12.15
N PHE B 239 -21.81 -19.59 12.99
CA PHE B 239 -21.64 -19.93 14.39
C PHE B 239 -21.04 -21.32 14.49
N PRO B 240 -20.30 -21.63 15.57
CA PRO B 240 -19.83 -23.00 15.76
C PRO B 240 -20.95 -24.03 15.88
N ASN B 241 -22.13 -23.62 16.33
CA ASN B 241 -23.28 -24.51 16.42
C ASN B 241 -23.75 -24.96 15.04
N GLY B 242 -23.57 -24.12 14.03
CA GLY B 242 -24.11 -24.37 12.70
C GLY B 242 -25.54 -23.93 12.50
N ASN B 243 -26.16 -23.33 13.53
CA ASN B 243 -27.54 -22.87 13.45
C ASN B 243 -27.65 -21.36 13.31
N ALA B 244 -26.53 -20.66 13.15
CA ALA B 244 -26.54 -19.22 12.99
C ALA B 244 -25.29 -18.81 12.24
N PHE B 245 -25.30 -17.58 11.73
CA PHE B 245 -24.15 -17.05 11.03
C PHE B 245 -24.14 -15.54 11.15
N ALA B 246 -22.96 -14.96 10.92
CA ALA B 246 -22.74 -13.53 11.03
C ALA B 246 -22.30 -12.97 9.70
N THR B 247 -22.74 -11.76 9.40
CA THR B 247 -22.46 -11.10 8.12
C THR B 247 -21.78 -9.77 8.36
N GLY B 248 -20.75 -9.48 7.58
CA GLY B 248 -20.09 -8.21 7.65
C GLY B 248 -20.22 -7.43 6.36
N SER B 249 -20.83 -6.26 6.42
CA SER B 249 -21.17 -5.51 5.22
C SER B 249 -20.42 -4.18 5.19
N ASP B 250 -20.70 -3.40 4.14
CA ASP B 250 -20.07 -2.11 3.93
C ASP B 250 -20.82 -0.96 4.56
N ASP B 251 -21.92 -1.23 5.26
CA ASP B 251 -22.65 -0.20 5.99
C ASP B 251 -22.24 -0.13 7.45
N ALA B 252 -21.01 -0.57 7.76
CA ALA B 252 -20.38 -0.52 9.09
C ALA B 252 -21.16 -1.29 10.14
N THR B 253 -21.95 -2.29 9.75
CA THR B 253 -22.71 -3.09 10.71
C THR B 253 -22.42 -4.57 10.50
N CYS B 254 -22.38 -5.31 11.60
CA CYS B 254 -22.39 -6.76 11.59
C CYS B 254 -23.75 -7.23 12.10
N ARG B 255 -24.25 -8.30 11.52
CA ARG B 255 -25.56 -8.83 11.90
C ARG B 255 -25.47 -10.33 12.13
N LEU B 256 -26.27 -10.81 13.08
CA LEU B 256 -26.35 -12.23 13.39
C LEU B 256 -27.71 -12.75 12.95
N PHE B 257 -27.71 -13.75 12.09
CA PHE B 257 -28.94 -14.32 11.53
C PHE B 257 -29.12 -15.74 12.03
N ASP B 258 -30.34 -16.07 12.45
CA ASP B 258 -30.67 -17.42 12.87
C ASP B 258 -31.30 -18.18 11.72
N LEU B 259 -30.84 -19.41 11.51
CA LEU B 259 -31.35 -20.22 10.41
C LEU B 259 -32.79 -20.66 10.65
N ARG B 260 -33.11 -21.06 11.88
CA ARG B 260 -34.44 -21.59 12.15
C ARG B 260 -35.48 -20.49 12.29
N ALA B 261 -35.12 -19.37 12.92
CA ALA B 261 -36.04 -18.24 13.02
C ALA B 261 -36.12 -17.44 11.73
N ASP B 262 -35.15 -17.62 10.83
CA ASP B 262 -35.14 -17.05 9.48
C ASP B 262 -35.17 -15.52 9.49
N GLN B 263 -34.55 -14.90 10.49
CA GLN B 263 -34.44 -13.44 10.50
C GLN B 263 -33.23 -13.03 11.34
N GLU B 264 -33.10 -11.72 11.55
CA GLU B 264 -31.95 -11.13 12.21
C GLU B 264 -32.20 -11.03 13.70
N LEU B 265 -31.22 -11.45 14.50
CA LEU B 265 -31.33 -11.43 15.95
C LEU B 265 -30.61 -10.25 16.59
N MET B 266 -29.49 -9.82 16.04
CA MET B 266 -28.69 -8.80 16.71
C MET B 266 -27.87 -8.04 15.67
N THR B 267 -27.71 -6.73 15.89
CA THR B 267 -26.89 -5.87 15.05
C THR B 267 -25.69 -5.38 15.86
N TYR B 268 -24.50 -5.55 15.31
CA TYR B 268 -23.27 -5.15 15.97
C TYR B 268 -22.78 -3.86 15.31
N SER B 269 -23.25 -2.73 15.83
CA SER B 269 -23.01 -1.42 15.24
C SER B 269 -22.55 -0.44 16.31
N HIS B 270 -21.75 0.52 15.88
CA HIS B 270 -21.33 1.63 16.72
C HIS B 270 -21.43 2.92 15.91
N ASP B 271 -21.70 4.02 16.60
CA ASP B 271 -21.79 5.32 15.93
C ASP B 271 -20.42 5.87 15.56
N ASN B 272 -19.36 5.40 16.20
CA ASN B 272 -18.01 5.85 15.90
C ASN B 272 -17.39 5.11 14.72
N ILE B 273 -18.07 4.12 14.17
CA ILE B 273 -17.57 3.34 13.05
C ILE B 273 -18.40 3.69 11.83
N ILE B 274 -17.76 4.20 10.79
CA ILE B 274 -18.44 4.60 9.56
C ILE B 274 -17.83 3.91 8.34
N CYS B 275 -17.17 2.77 8.55
CA CYS B 275 -16.45 2.09 7.49
C CYS B 275 -16.77 0.60 7.54
N GLY B 276 -16.59 -0.07 6.42
CA GLY B 276 -17.11 -1.41 6.25
C GLY B 276 -16.33 -2.47 6.99
N ILE B 277 -16.84 -3.70 6.90
CA ILE B 277 -16.26 -4.87 7.52
C ILE B 277 -15.69 -5.74 6.41
N THR B 278 -14.43 -6.12 6.54
CA THR B 278 -13.77 -6.97 5.56
C THR B 278 -13.81 -8.44 5.91
N SER B 279 -13.65 -8.79 7.19
CA SER B 279 -13.61 -10.18 7.61
C SER B 279 -14.34 -10.33 8.93
N VAL B 280 -15.04 -11.45 9.10
CA VAL B 280 -15.67 -11.80 10.36
C VAL B 280 -15.24 -13.20 10.75
N SER B 281 -15.16 -13.44 12.06
CA SER B 281 -14.87 -14.76 12.59
C SER B 281 -15.38 -14.86 14.00
N PHE B 282 -15.93 -16.01 14.34
CA PHE B 282 -16.42 -16.29 15.69
C PHE B 282 -15.33 -16.96 16.51
N SER B 283 -15.51 -16.93 17.82
CA SER B 283 -14.65 -17.68 18.72
C SER B 283 -15.07 -19.14 18.73
N LYS B 284 -14.33 -19.96 19.47
CA LYS B 284 -14.67 -21.38 19.58
C LYS B 284 -15.98 -21.57 20.32
N SER B 285 -16.22 -20.78 21.37
CA SER B 285 -17.46 -20.86 22.12
C SER B 285 -18.61 -20.11 21.46
N GLY B 286 -18.30 -19.24 20.50
CA GLY B 286 -19.31 -18.39 19.90
C GLY B 286 -19.62 -17.12 20.66
N ARG B 287 -18.95 -16.88 21.79
CA ARG B 287 -19.24 -15.70 22.58
C ARG B 287 -18.64 -14.43 21.98
N LEU B 288 -17.48 -14.53 21.36
CA LEU B 288 -16.81 -13.38 20.79
C LEU B 288 -16.93 -13.41 19.26
N LEU B 289 -17.37 -12.30 18.69
CA LEU B 289 -17.38 -12.10 17.24
C LEU B 289 -16.27 -11.13 16.90
N LEU B 290 -15.30 -11.59 16.11
CA LEU B 290 -14.17 -10.77 15.72
C LEU B 290 -14.40 -10.27 14.30
N ALA B 291 -14.46 -8.96 14.15
CA ALA B 291 -14.72 -8.33 12.86
C ALA B 291 -13.56 -7.43 12.47
N GLY B 292 -13.02 -7.65 11.28
CA GLY B 292 -11.96 -6.82 10.76
C GLY B 292 -12.46 -5.68 9.92
N TYR B 293 -12.15 -4.47 10.33
CA TYR B 293 -12.63 -3.26 9.68
C TYR B 293 -11.52 -2.64 8.84
N ASP B 294 -11.90 -1.70 7.99
CA ASP B 294 -10.95 -0.86 7.28
C ASP B 294 -10.77 0.50 7.94
N ASP B 295 -10.99 0.59 9.25
CA ASP B 295 -10.43 1.66 10.07
C ASP B 295 -9.10 1.26 10.67
N PHE B 296 -8.41 0.31 10.04
CA PHE B 296 -7.07 -0.22 10.26
C PHE B 296 -7.02 -1.19 11.43
N ASN B 297 -8.12 -1.47 12.12
CA ASN B 297 -8.06 -2.32 13.30
C ASN B 297 -9.28 -3.25 13.35
N CYS B 298 -9.21 -4.22 14.25
CA CYS B 298 -10.22 -5.24 14.44
C CYS B 298 -10.93 -5.03 15.76
N ASN B 299 -12.24 -5.27 15.77
CA ASN B 299 -13.08 -5.05 16.94
C ASN B 299 -13.64 -6.38 17.41
N VAL B 300 -13.55 -6.62 18.72
CA VAL B 300 -14.09 -7.82 19.34
C VAL B 300 -15.45 -7.47 19.91
N TRP B 301 -16.47 -8.21 19.48
CA TRP B 301 -17.84 -7.96 19.88
C TRP B 301 -18.33 -9.08 20.78
N ASP B 302 -19.17 -8.72 21.74
CA ASP B 302 -19.90 -9.71 22.52
C ASP B 302 -21.10 -10.15 21.69
N ALA B 303 -21.09 -11.42 21.26
CA ALA B 303 -22.10 -11.89 20.32
C ALA B 303 -23.47 -12.02 20.95
N LEU B 304 -23.57 -12.03 22.27
CA LEU B 304 -24.86 -12.16 22.93
C LEU B 304 -25.37 -10.85 23.51
N LYS B 305 -24.55 -9.80 23.53
CA LYS B 305 -24.94 -8.54 24.12
C LYS B 305 -24.68 -7.32 23.24
N ALA B 306 -24.00 -7.49 22.10
CA ALA B 306 -23.73 -6.42 21.13
C ALA B 306 -22.96 -5.26 21.74
N ASP B 307 -21.91 -5.59 22.50
CA ASP B 307 -21.03 -4.61 23.11
C ASP B 307 -19.60 -4.93 22.74
N ARG B 308 -18.79 -3.90 22.47
CA ARG B 308 -17.39 -4.13 22.18
C ARG B 308 -16.64 -4.54 23.44
N ALA B 309 -15.85 -5.60 23.31
CA ALA B 309 -15.03 -6.08 24.42
C ALA B 309 -13.56 -5.81 24.24
N GLY B 310 -13.12 -5.41 23.05
CA GLY B 310 -11.72 -5.14 22.83
C GLY B 310 -11.48 -4.68 21.42
N VAL B 311 -10.30 -4.12 21.20
CA VAL B 311 -9.86 -3.63 19.91
C VAL B 311 -8.49 -4.25 19.62
N LEU B 312 -8.35 -4.86 18.45
CA LEU B 312 -7.08 -5.44 18.03
C LEU B 312 -6.32 -4.46 17.15
N ALA B 313 -5.99 -3.31 17.73
CA ALA B 313 -5.21 -2.31 17.02
C ALA B 313 -3.76 -2.75 16.87
N GLY B 314 -3.13 -2.35 15.78
CA GLY B 314 -1.78 -2.77 15.52
C GLY B 314 -1.45 -2.98 14.06
N HIS B 315 -2.42 -2.75 13.19
CA HIS B 315 -2.22 -2.84 11.75
C HIS B 315 -2.24 -1.45 11.15
N ASP B 316 -1.28 -1.17 10.27
CA ASP B 316 -1.11 0.15 9.68
C ASP B 316 -1.94 0.35 8.42
N ASN B 317 -2.69 -0.65 7.99
CA ASN B 317 -3.55 -0.53 6.82
C ASN B 317 -4.81 -1.34 7.06
N ARG B 318 -5.60 -1.50 6.02
CA ARG B 318 -6.92 -2.13 6.14
C ARG B 318 -6.77 -3.62 6.46
N VAL B 319 -7.39 -4.06 7.55
CA VAL B 319 -7.36 -5.46 7.95
C VAL B 319 -8.30 -6.22 7.02
N SER B 320 -7.74 -6.99 6.09
CA SER B 320 -8.53 -7.61 5.04
C SER B 320 -8.96 -9.03 5.37
N CYS B 321 -8.18 -9.74 6.17
CA CYS B 321 -8.44 -11.16 6.42
C CYS B 321 -8.06 -11.51 7.84
N LEU B 322 -8.92 -12.28 8.50
CA LEU B 322 -8.61 -12.80 9.82
C LEU B 322 -9.32 -14.13 10.02
N GLY B 323 -8.75 -14.95 10.89
CA GLY B 323 -9.29 -16.26 11.17
C GLY B 323 -8.88 -16.80 12.51
N VAL B 324 -9.79 -17.48 13.18
CA VAL B 324 -9.54 -18.12 14.47
C VAL B 324 -9.24 -19.59 14.23
N THR B 325 -8.32 -20.14 15.03
CA THR B 325 -7.90 -21.52 14.87
C THR B 325 -9.01 -22.48 15.31
N ASP B 326 -8.78 -23.77 15.05
CA ASP B 326 -9.76 -24.79 15.38
C ASP B 326 -9.88 -24.99 16.88
N ASP B 327 -8.76 -24.88 17.61
CA ASP B 327 -8.78 -25.00 19.06
C ASP B 327 -9.07 -23.68 19.76
N GLY B 328 -9.20 -22.59 19.02
CA GLY B 328 -9.53 -21.31 19.60
C GLY B 328 -8.39 -20.64 20.33
N MET B 329 -7.16 -21.09 20.16
CA MET B 329 -6.05 -20.52 20.91
C MET B 329 -5.64 -19.15 20.38
N ALA B 330 -5.59 -18.99 19.06
CA ALA B 330 -4.99 -17.82 18.45
C ALA B 330 -5.89 -17.24 17.37
N VAL B 331 -5.74 -15.92 17.16
CA VAL B 331 -6.39 -15.19 16.09
C VAL B 331 -5.29 -14.55 15.25
N ALA B 332 -5.28 -14.84 13.96
CA ALA B 332 -4.31 -14.28 13.04
C ALA B 332 -5.01 -13.28 12.14
N THR B 333 -4.50 -12.05 12.10
CA THR B 333 -5.06 -10.99 11.28
C THR B 333 -4.07 -10.62 10.19
N GLY B 334 -4.57 -10.51 8.96
CA GLY B 334 -3.79 -10.03 7.83
C GLY B 334 -4.31 -8.69 7.37
N SER B 335 -3.45 -7.89 6.77
CA SER B 335 -3.82 -6.55 6.38
C SER B 335 -3.03 -6.15 5.14
N TRP B 336 -3.30 -4.93 4.67
CA TRP B 336 -2.69 -4.43 3.45
C TRP B 336 -1.27 -3.91 3.65
N ASP B 337 -0.78 -3.88 4.88
CA ASP B 337 0.59 -3.49 5.17
C ASP B 337 1.56 -4.66 5.11
N SER B 338 1.16 -5.77 4.45
CA SER B 338 2.00 -6.92 4.15
C SER B 338 2.47 -7.66 5.40
N PHE B 339 1.67 -7.65 6.47
CA PHE B 339 2.04 -8.34 7.70
C PHE B 339 0.87 -9.19 8.19
N LEU B 340 1.21 -10.33 8.79
CA LEU B 340 0.28 -11.18 9.50
C LEU B 340 0.66 -11.18 10.97
N LYS B 341 -0.32 -10.97 11.85
CA LYS B 341 -0.07 -10.88 13.28
C LYS B 341 -0.95 -11.89 14.00
N ILE B 342 -0.35 -12.67 14.89
CA ILE B 342 -1.05 -13.69 15.65
C ILE B 342 -1.31 -13.16 17.05
N TRP B 343 -2.58 -13.17 17.45
CA TRP B 343 -3.03 -12.60 18.71
C TRP B 343 -3.51 -13.69 19.65
N ASN B 344 -3.28 -13.48 20.94
CA ASN B 344 -3.64 -14.46 21.94
C ASN B 344 -3.74 -13.78 23.31
N SER C 7 -37.90 -12.81 -19.57
CA SER C 7 -38.37 -12.21 -18.33
C SER C 7 -39.42 -13.07 -17.65
N ILE C 8 -40.15 -13.85 -18.46
CA ILE C 8 -41.18 -14.74 -17.93
C ILE C 8 -40.56 -15.90 -17.16
N ALA C 9 -39.47 -16.46 -17.69
CA ALA C 9 -38.82 -17.59 -17.03
C ALA C 9 -38.17 -17.18 -15.71
N GLN C 10 -37.53 -16.00 -15.70
CA GLN C 10 -36.92 -15.50 -14.47
C GLN C 10 -37.98 -15.20 -13.41
N ALA C 11 -39.12 -14.63 -13.83
CA ALA C 11 -40.20 -14.36 -12.89
C ALA C 11 -40.81 -15.65 -12.35
N ARG C 12 -40.96 -16.67 -13.21
CA ARG C 12 -41.45 -17.97 -12.76
C ARG C 12 -40.49 -18.63 -11.78
N LYS C 13 -39.18 -18.52 -12.05
CA LYS C 13 -38.18 -19.06 -11.13
C LYS C 13 -38.19 -18.33 -9.79
N LEU C 14 -38.37 -17.00 -9.83
CA LEU C 14 -38.44 -16.23 -8.59
C LEU C 14 -39.69 -16.59 -7.79
N VAL C 15 -40.81 -16.79 -8.47
CA VAL C 15 -42.05 -17.19 -7.79
C VAL C 15 -41.88 -18.58 -7.17
N GLU C 16 -41.27 -19.51 -7.89
CA GLU C 16 -41.05 -20.86 -7.36
C GLU C 16 -40.10 -20.85 -6.17
N GLN C 17 -39.04 -20.04 -6.25
CA GLN C 17 -38.09 -19.95 -5.12
C GLN C 17 -38.74 -19.31 -3.90
N LEU C 18 -39.55 -18.27 -4.10
CA LEU C 18 -40.23 -17.65 -2.97
C LEU C 18 -41.30 -18.57 -2.38
N LYS C 19 -41.93 -19.40 -3.20
CA LYS C 19 -42.87 -20.39 -2.67
C LYS C 19 -42.15 -21.48 -1.89
N MET C 20 -40.97 -21.90 -2.36
CA MET C 20 -40.20 -22.91 -1.64
C MET C 20 -39.61 -22.36 -0.35
N GLU C 21 -39.33 -21.06 -0.30
CA GLU C 21 -38.79 -20.45 0.91
C GLU C 21 -39.86 -20.19 1.97
N ALA C 22 -41.13 -20.17 1.59
CA ALA C 22 -42.18 -19.90 2.56
C ALA C 22 -42.48 -21.12 3.43
N ASN C 23 -42.42 -22.33 2.85
CA ASN C 23 -42.77 -23.55 3.56
C ASN C 23 -41.59 -24.03 4.39
N ILE C 24 -41.30 -23.28 5.45
CA ILE C 24 -40.20 -23.58 6.36
C ILE C 24 -40.73 -23.58 7.78
N ASP C 25 -40.46 -24.65 8.52
CA ASP C 25 -40.88 -24.75 9.91
C ASP C 25 -40.05 -23.79 10.76
N ARG C 26 -40.68 -22.70 11.20
CA ARG C 26 -40.00 -21.65 11.93
C ARG C 26 -40.19 -21.83 13.43
N ILE C 27 -39.20 -21.37 14.19
CA ILE C 27 -39.26 -21.33 15.64
C ILE C 27 -39.17 -19.87 16.08
N LYS C 28 -39.37 -19.65 17.37
CA LYS C 28 -39.40 -18.30 17.89
C LYS C 28 -37.97 -17.77 18.08
N VAL C 29 -37.88 -16.45 18.26
CA VAL C 29 -36.60 -15.83 18.57
C VAL C 29 -36.13 -16.23 19.96
N SER C 30 -37.07 -16.47 20.88
CA SER C 30 -36.72 -16.84 22.24
C SER C 30 -35.99 -18.17 22.29
N LYS C 31 -36.45 -19.16 21.52
CA LYS C 31 -35.79 -20.45 21.50
C LYS C 31 -34.41 -20.38 20.87
N ALA C 32 -34.27 -19.57 19.80
CA ALA C 32 -32.97 -19.40 19.16
C ALA C 32 -31.97 -18.71 20.07
N ALA C 33 -32.42 -17.66 20.76
CA ALA C 33 -31.56 -16.96 21.71
C ALA C 33 -31.18 -17.86 22.87
N ALA C 34 -32.12 -18.67 23.37
CA ALA C 34 -31.82 -19.61 24.44
C ALA C 34 -30.83 -20.67 24.00
N ASP C 35 -30.95 -21.17 22.77
CA ASP C 35 -30.02 -22.18 22.27
C ASP C 35 -28.62 -21.60 22.08
N LEU C 36 -28.51 -20.39 21.55
CA LEU C 36 -27.20 -19.76 21.39
C LEU C 36 -26.57 -19.45 22.75
N MET C 37 -27.38 -18.98 23.71
CA MET C 37 -26.89 -18.72 25.06
C MET C 37 -26.45 -20.00 25.75
N ALA C 38 -27.19 -21.10 25.54
CA ALA C 38 -26.83 -22.37 26.13
C ALA C 38 -25.54 -22.91 25.54
N TYR C 39 -25.34 -22.77 24.23
CA TYR C 39 -24.08 -23.20 23.62
C TYR C 39 -22.90 -22.39 24.14
N CYS C 40 -23.07 -21.06 24.24
CA CYS C 40 -21.99 -20.21 24.71
C CYS C 40 -21.68 -20.44 26.18
N GLU C 41 -22.70 -20.79 26.99
CA GLU C 41 -22.46 -21.11 28.39
C GLU C 41 -21.86 -22.49 28.56
N ALA C 42 -22.21 -23.44 27.69
CA ALA C 42 -21.70 -24.80 27.81
C ALA C 42 -20.25 -24.90 27.37
N HIS C 43 -19.87 -24.17 26.31
CA HIS C 43 -18.51 -24.26 25.80
C HIS C 43 -17.63 -23.10 26.26
N ALA C 44 -17.98 -22.46 27.38
CA ALA C 44 -17.24 -21.28 27.83
C ALA C 44 -15.88 -21.63 28.39
N LYS C 45 -15.73 -22.81 29.01
CA LYS C 45 -14.46 -23.19 29.62
C LYS C 45 -13.40 -23.49 28.56
N GLU C 46 -13.80 -24.11 27.45
CA GLU C 46 -12.87 -24.43 26.37
C GLU C 46 -12.85 -23.32 25.32
N ASP C 47 -12.64 -22.09 25.77
CA ASP C 47 -12.49 -20.93 24.89
C ASP C 47 -11.28 -20.12 25.37
N PRO C 48 -10.12 -20.31 24.75
CA PRO C 48 -8.92 -19.58 25.19
C PRO C 48 -9.00 -18.07 25.04
N LEU C 49 -9.72 -17.56 24.05
CA LEU C 49 -9.83 -16.12 23.89
C LEU C 49 -10.71 -15.49 24.95
N LEU C 50 -11.75 -16.19 25.39
CA LEU C 50 -12.62 -15.68 26.44
C LEU C 50 -11.93 -15.81 27.80
N THR C 51 -11.59 -17.02 28.20
CA THR C 51 -10.84 -17.25 29.42
C THR C 51 -9.39 -17.54 29.06
N PRO C 52 -8.45 -16.64 29.33
CA PRO C 52 -7.06 -16.85 28.88
C PRO C 52 -6.39 -17.97 29.64
N VAL C 53 -5.75 -18.87 28.89
CA VAL C 53 -5.02 -20.01 29.43
C VAL C 53 -3.73 -19.52 30.06
N PRO C 54 -3.15 -20.25 31.01
CA PRO C 54 -1.83 -19.86 31.54
C PRO C 54 -0.74 -20.05 30.50
N ALA C 55 0.42 -19.43 30.79
CA ALA C 55 1.54 -19.44 29.85
C ALA C 55 2.19 -20.82 29.71
N SER C 56 1.92 -21.74 30.65
CA SER C 56 2.44 -23.09 30.51
C SER C 56 1.77 -23.84 29.37
N GLU C 57 0.46 -23.65 29.21
CA GLU C 57 -0.31 -24.32 28.17
C GLU C 57 -0.56 -23.43 26.97
N ASN C 58 0.05 -22.26 26.91
CA ASN C 58 -0.12 -21.35 25.78
C ASN C 58 0.89 -21.70 24.70
N PRO C 59 0.45 -22.09 23.50
CA PRO C 59 1.40 -22.43 22.43
C PRO C 59 2.16 -21.24 21.89
N PHE C 60 1.66 -20.02 22.08
CA PHE C 60 2.30 -18.80 21.59
C PHE C 60 2.76 -18.02 22.81
N ARG C 61 3.98 -18.30 23.26
CA ARG C 61 4.53 -17.62 24.43
C ARG C 61 5.70 -16.72 24.05
N MET D 1 38.59 48.45 17.47
CA MET D 1 38.33 47.76 16.20
C MET D 1 38.23 46.25 16.40
N GLY D 2 39.24 45.69 17.06
CA GLY D 2 39.24 44.25 17.32
C GLY D 2 38.16 43.84 18.29
N GLY D 3 37.90 44.67 19.31
CA GLY D 3 36.91 44.32 20.31
C GLY D 3 35.50 44.28 19.76
N VAL D 4 35.11 45.27 18.97
CA VAL D 4 33.77 45.28 18.38
C VAL D 4 33.63 44.18 17.34
N ILE D 5 34.72 43.86 16.61
CA ILE D 5 34.69 42.75 15.66
C ILE D 5 34.49 41.43 16.38
N LYS D 6 35.21 41.23 17.49
CA LYS D 6 35.05 40.01 18.27
C LYS D 6 33.66 39.92 18.90
N SER D 7 33.10 41.06 19.31
CA SER D 7 31.73 41.06 19.85
C SER D 7 30.71 40.70 18.77
N ILE D 8 30.90 41.23 17.56
CA ILE D 8 30.00 40.91 16.44
C ILE D 8 30.09 39.43 16.09
N PHE D 9 31.31 38.89 16.03
CA PHE D 9 31.48 37.47 15.77
C PHE D 9 30.93 36.60 16.89
N THR D 10 31.02 37.05 18.13
CA THR D 10 30.41 36.32 19.24
C THR D 10 28.90 36.29 19.13
N PHE D 11 28.29 37.42 18.75
CA PHE D 11 26.85 37.46 18.52
C PHE D 11 26.45 36.54 17.38
N VAL D 12 27.26 36.51 16.32
CA VAL D 12 27.02 35.61 15.19
C VAL D 12 27.08 34.15 15.65
N LEU D 13 28.05 33.82 16.50
CA LEU D 13 28.19 32.44 16.96
C LEU D 13 27.02 32.04 17.84
N ILE D 14 26.54 32.96 18.69
CA ILE D 14 25.37 32.67 19.52
C ILE D 14 24.13 32.43 18.66
N VAL D 15 23.94 33.29 17.65
CA VAL D 15 22.78 33.17 16.75
C VAL D 15 22.83 31.85 15.99
N GLU D 16 23.99 31.48 15.47
CA GLU D 16 24.07 30.25 14.69
C GLU D 16 24.04 29.00 15.56
N PHE D 17 24.50 29.09 16.81
CA PHE D 17 24.29 28.00 17.74
C PHE D 17 22.81 27.77 18.01
N ILE D 18 22.06 28.87 18.22
CA ILE D 18 20.63 28.76 18.47
C ILE D 18 19.92 28.16 17.27
N ILE D 19 20.23 28.67 16.07
CA ILE D 19 19.57 28.21 14.85
C ILE D 19 19.92 26.74 14.57
N GLY D 20 21.20 26.38 14.71
CA GLY D 20 21.60 25.01 14.45
C GLY D 20 21.02 24.01 15.43
N ASN D 21 21.04 24.35 16.72
CA ASN D 21 20.45 23.48 17.72
C ASN D 21 18.96 23.32 17.50
N LEU D 22 18.25 24.41 17.20
CA LEU D 22 16.81 24.33 16.97
C LEU D 22 16.49 23.51 15.73
N GLY D 23 17.21 23.72 14.63
CA GLY D 23 16.91 23.00 13.40
C GLY D 23 17.22 21.51 13.48
N ASN D 24 18.40 21.16 13.99
CA ASN D 24 18.75 19.75 14.07
C ASN D 24 17.95 19.03 15.14
N SER D 25 17.64 19.71 16.25
CA SER D 25 16.75 19.15 17.25
C SER D 25 15.36 18.95 16.67
N PHE D 26 14.90 19.86 15.82
CA PHE D 26 13.59 19.71 15.20
C PHE D 26 13.56 18.51 14.26
N ILE D 27 14.63 18.30 13.49
CA ILE D 27 14.69 17.15 12.59
C ILE D 27 14.66 15.85 13.38
N ALA D 28 15.52 15.74 14.40
CA ALA D 28 15.60 14.52 15.21
C ALA D 28 14.31 14.30 15.98
N LEU D 29 13.72 15.36 16.50
CA LEU D 29 12.50 15.26 17.31
C LEU D 29 11.30 14.87 16.46
N VAL D 30 11.19 15.42 15.24
CA VAL D 30 10.10 15.06 14.35
C VAL D 30 10.22 13.59 13.94
N ASN D 31 11.43 13.14 13.62
CA ASN D 31 11.60 11.74 13.25
C ASN D 31 11.35 10.82 14.45
N CYS D 32 11.71 11.27 15.66
CA CYS D 32 11.49 10.45 16.85
C CYS D 32 10.00 10.34 17.17
N ILE D 33 9.25 11.44 17.05
CA ILE D 33 7.80 11.39 17.27
C ILE D 33 7.14 10.51 16.22
N ASP D 34 7.56 10.62 14.96
CA ASP D 34 7.01 9.77 13.92
C ASP D 34 7.37 8.30 14.13
N TRP D 35 8.51 8.03 14.78
CA TRP D 35 8.85 6.64 15.06
C TRP D 35 8.04 6.08 16.22
N VAL D 36 7.89 6.85 17.30
CA VAL D 36 7.21 6.30 18.48
C VAL D 36 5.70 6.23 18.25
N LYS D 37 5.15 7.11 17.41
CA LYS D 37 3.73 7.07 17.11
C LYS D 37 3.41 6.24 15.87
N GLY D 38 4.00 5.04 15.82
CA GLY D 38 3.72 4.01 14.83
C GLY D 38 3.59 4.39 13.37
N ARG D 39 4.59 5.05 12.80
CA ARG D 39 4.55 5.48 11.42
C ARG D 39 5.82 5.03 10.70
N LYS D 40 5.69 4.86 9.39
CA LYS D 40 6.80 4.35 8.58
C LYS D 40 7.89 5.40 8.44
N ILE D 41 9.14 4.93 8.37
CA ILE D 41 10.31 5.78 8.26
C ILE D 41 11.06 5.37 7.01
N SER D 42 11.25 6.32 6.09
CA SER D 42 12.00 6.08 4.87
C SER D 42 13.49 6.08 5.15
N SER D 43 14.26 5.63 4.16
CA SER D 43 15.71 5.62 4.28
C SER D 43 16.28 7.04 4.30
N VAL D 44 15.66 7.96 3.56
CA VAL D 44 16.06 9.35 3.58
C VAL D 44 15.88 9.93 4.97
N ASP D 45 14.82 9.52 5.67
CA ASP D 45 14.59 9.99 7.02
C ASP D 45 15.64 9.47 8.00
N ARG D 46 16.09 8.23 7.81
CA ARG D 46 17.16 7.69 8.63
C ARG D 46 18.48 8.43 8.40
N ILE D 47 18.80 8.73 7.15
CA ILE D 47 20.01 9.51 6.88
C ILE D 47 19.88 10.93 7.45
N LEU D 48 18.69 11.51 7.36
CA LEU D 48 18.47 12.86 7.85
C LEU D 48 18.60 12.93 9.37
N THR D 49 18.09 11.92 10.08
CA THR D 49 18.23 11.95 11.53
C THR D 49 19.66 11.60 11.95
N ALA D 50 20.39 10.85 11.13
CA ALA D 50 21.81 10.67 11.39
C ALA D 50 22.58 11.98 11.25
N LEU D 51 22.28 12.76 10.20
CA LEU D 51 22.87 14.09 10.07
C LEU D 51 22.50 14.99 11.23
N ALA D 52 21.24 14.92 11.68
CA ALA D 52 20.79 15.78 12.77
C ALA D 52 21.52 15.46 14.06
N ILE D 53 21.71 14.18 14.37
CA ILE D 53 22.43 13.77 15.57
C ILE D 53 23.89 14.22 15.50
N SER D 54 24.54 13.99 14.35
CA SER D 54 25.94 14.37 14.20
C SER D 54 26.13 15.88 14.29
N ARG D 55 25.20 16.65 13.73
CA ARG D 55 25.33 18.09 13.75
C ARG D 55 25.03 18.68 15.12
N ILE D 56 24.11 18.06 15.88
CA ILE D 56 23.92 18.43 17.29
C ILE D 56 25.22 18.21 18.06
N SER D 57 25.87 17.07 17.84
CA SER D 57 27.14 16.78 18.50
C SER D 57 28.21 17.80 18.14
N LEU D 58 28.31 18.14 16.84
CA LEU D 58 29.36 19.06 16.40
C LEU D 58 29.13 20.48 16.91
N VAL D 59 27.88 20.96 16.88
CA VAL D 59 27.62 22.32 17.35
C VAL D 59 27.77 22.39 18.87
N TRP D 60 27.47 21.29 19.59
CA TRP D 60 27.73 21.28 21.02
C TRP D 60 29.23 21.27 21.31
N LEU D 61 30.02 20.57 20.47
CA LEU D 61 31.46 20.58 20.64
C LEU D 61 32.04 21.98 20.49
N ILE D 62 31.63 22.70 19.44
CA ILE D 62 32.21 24.02 19.22
C ILE D 62 31.71 25.03 20.26
N PHE D 63 30.44 24.91 20.69
CA PHE D 63 29.95 25.82 21.73
C PHE D 63 30.61 25.53 23.08
N GLY D 64 30.84 24.24 23.40
CA GLY D 64 31.56 23.91 24.62
C GLY D 64 33.00 24.35 24.57
N SER D 65 33.62 24.28 23.39
CA SER D 65 34.98 24.80 23.23
C SER D 65 35.03 26.30 23.48
N TRP D 66 34.04 27.03 22.96
CA TRP D 66 34.00 28.48 23.20
C TRP D 66 33.73 28.79 24.66
N CYS D 67 32.87 28.01 25.32
CA CYS D 67 32.60 28.22 26.73
C CYS D 67 33.84 27.95 27.58
N VAL D 68 34.59 26.90 27.26
CA VAL D 68 35.82 26.59 27.99
C VAL D 68 36.86 27.68 27.74
N SER D 69 36.97 28.16 26.51
CA SER D 69 37.96 29.19 26.20
C SER D 69 37.64 30.51 26.89
N VAL D 70 36.37 30.90 26.93
CA VAL D 70 36.02 32.19 27.54
C VAL D 70 36.12 32.09 29.06
N PHE D 71 35.54 31.03 29.63
CA PHE D 71 35.47 30.93 31.09
C PHE D 71 36.82 30.56 31.69
N PHE D 72 37.55 29.63 31.08
CA PHE D 72 38.79 29.10 31.63
C PHE D 72 39.89 29.11 30.58
N PRO D 73 40.53 30.26 30.36
CA PRO D 73 41.66 30.30 29.41
C PRO D 73 42.85 29.49 29.85
N ALA D 74 43.09 29.36 31.16
CA ALA D 74 44.18 28.55 31.66
C ALA D 74 43.97 27.08 31.32
N LEU D 75 42.72 26.61 31.43
CA LEU D 75 42.40 25.26 30.96
C LEU D 75 42.51 25.16 29.45
N PHE D 76 42.22 26.25 28.74
CA PHE D 76 42.22 26.21 27.28
C PHE D 76 43.64 26.19 26.72
N ALA D 77 44.61 26.71 27.47
CA ALA D 77 45.98 26.77 26.96
C ALA D 77 46.68 25.41 26.94
N THR D 78 46.15 24.43 27.66
CA THR D 78 46.83 23.14 27.80
C THR D 78 46.81 22.37 26.48
N GLU D 79 47.88 21.61 26.26
CA GLU D 79 48.00 20.86 25.02
C GLU D 79 47.09 19.65 25.00
N LYS D 80 46.74 19.12 26.17
CA LYS D 80 45.89 17.94 26.23
C LYS D 80 44.48 18.26 25.75
N MET D 81 43.90 19.35 26.26
CA MET D 81 42.56 19.76 25.83
C MET D 81 42.56 20.16 24.35
N PHE D 82 43.64 20.80 23.90
CA PHE D 82 43.73 21.22 22.50
C PHE D 82 43.77 20.02 21.56
N ARG D 83 44.62 19.03 21.87
CA ARG D 83 44.70 17.85 21.02
C ARG D 83 43.42 17.02 21.07
N MET D 84 42.81 16.91 22.26
CA MET D 84 41.57 16.16 22.39
C MET D 84 40.43 16.81 21.60
N LEU D 85 40.30 18.13 21.71
CA LEU D 85 39.29 18.86 20.97
C LEU D 85 39.51 18.74 19.48
N THR D 86 40.78 18.83 19.04
CA THR D 86 41.09 18.77 17.62
C THR D 86 40.72 17.41 17.03
N ASN D 87 41.11 16.32 17.72
CA ASN D 87 40.84 14.99 17.20
C ASN D 87 39.36 14.63 17.26
N ILE D 88 38.67 15.02 18.34
CA ILE D 88 37.24 14.74 18.43
C ILE D 88 36.47 15.52 17.37
N TRP D 89 36.86 16.80 17.14
CA TRP D 89 36.24 17.57 16.09
C TRP D 89 36.47 16.96 14.72
N THR D 90 37.69 16.49 14.44
CA THR D 90 37.92 15.99 13.09
C THR D 90 37.19 14.67 12.84
N VAL D 91 37.02 13.84 13.88
CA VAL D 91 36.26 12.61 13.71
C VAL D 91 34.78 12.92 13.46
N ILE D 92 34.19 13.77 14.30
CA ILE D 92 32.77 14.07 14.20
C ILE D 92 32.47 14.83 12.91
N ASN D 93 33.34 15.77 12.53
CA ASN D 93 33.16 16.53 11.31
C ASN D 93 33.30 15.67 10.07
N HIS D 94 34.27 14.74 10.06
CA HIS D 94 34.41 13.82 8.94
C HIS D 94 33.15 12.97 8.76
N PHE D 95 32.62 12.44 9.87
CA PHE D 95 31.41 11.63 9.79
C PHE D 95 30.21 12.44 9.30
N SER D 96 30.07 13.67 9.79
CA SER D 96 28.94 14.51 9.42
C SER D 96 28.97 14.88 7.94
N VAL D 97 30.12 15.36 7.46
CA VAL D 97 30.18 15.81 6.07
C VAL D 97 30.11 14.63 5.10
N TRP D 98 30.67 13.48 5.46
CA TRP D 98 30.52 12.35 4.57
C TRP D 98 29.13 11.74 4.62
N LEU D 99 28.39 11.90 5.73
CA LEU D 99 26.98 11.54 5.71
C LEU D 99 26.16 12.47 4.83
N ALA D 100 26.49 13.76 4.82
CA ALA D 100 25.82 14.69 3.91
C ALA D 100 26.08 14.32 2.45
N THR D 101 27.33 13.96 2.14
CA THR D 101 27.64 13.50 0.78
C THR D 101 26.99 12.15 0.48
N GLY D 102 26.79 11.31 1.49
CA GLY D 102 26.05 10.08 1.27
C GLY D 102 24.58 10.32 0.95
N LEU D 103 23.97 11.31 1.62
CA LEU D 103 22.61 11.72 1.28
C LEU D 103 22.55 12.28 -0.14
N GLY D 104 23.58 13.03 -0.51
CA GLY D 104 23.64 13.52 -1.89
C GLY D 104 23.77 12.41 -2.91
N THR D 105 24.58 11.39 -2.60
CA THR D 105 24.70 10.23 -3.48
C THR D 105 23.39 9.46 -3.55
N PHE D 106 22.67 9.37 -2.43
CA PHE D 106 21.34 8.75 -2.42
C PHE D 106 20.39 9.46 -3.37
N TYR D 107 20.33 10.79 -3.28
CA TYR D 107 19.48 11.57 -4.17
C TYR D 107 19.89 11.40 -5.62
N PHE D 108 21.19 11.46 -5.90
CA PHE D 108 21.67 11.40 -7.27
C PHE D 108 21.43 10.03 -7.88
N LEU D 109 21.64 8.95 -7.12
CA LEU D 109 21.43 7.63 -7.67
C LEU D 109 19.95 7.30 -7.81
N LYS D 110 19.12 7.81 -6.90
CA LYS D 110 17.69 7.51 -6.99
C LYS D 110 17.01 8.29 -8.10
N ILE D 111 17.37 9.56 -8.29
CA ILE D 111 16.60 10.43 -9.17
C ILE D 111 17.14 10.44 -10.60
N ALA D 112 18.46 10.56 -10.77
CA ALA D 112 19.02 10.84 -12.08
C ALA D 112 18.90 9.63 -13.02
N ASN D 113 18.77 9.94 -14.30
CA ASN D 113 18.51 8.95 -15.34
C ASN D 113 19.59 9.03 -16.39
N PHE D 114 20.47 8.04 -16.43
CA PHE D 114 21.54 7.94 -17.42
C PHE D 114 21.55 6.54 -18.02
N SER D 115 22.17 6.42 -19.18
CA SER D 115 22.22 5.16 -19.91
C SER D 115 23.49 4.36 -19.68
N ASN D 116 24.39 4.83 -18.82
CA ASN D 116 25.64 4.13 -18.58
C ASN D 116 25.40 2.88 -17.75
N SER D 117 26.21 1.84 -18.03
CA SER D 117 26.05 0.57 -17.32
C SER D 117 26.58 0.67 -15.89
N ILE D 118 27.67 1.39 -15.70
CA ILE D 118 28.23 1.56 -14.35
C ILE D 118 27.28 2.38 -13.49
N PHE D 119 26.65 3.39 -14.09
CA PHE D 119 25.68 4.20 -13.36
C PHE D 119 24.48 3.37 -12.93
N LEU D 120 24.00 2.47 -13.81
CA LEU D 120 22.88 1.62 -13.45
C LEU D 120 23.27 0.61 -12.38
N TYR D 121 24.51 0.10 -12.45
CA TYR D 121 24.99 -0.83 -11.44
C TYR D 121 25.06 -0.17 -10.06
N LEU D 122 25.47 1.10 -10.01
CA LEU D 122 25.38 1.83 -8.75
C LEU D 122 23.94 2.20 -8.41
N LYS D 123 23.09 2.35 -9.43
CA LYS D 123 21.74 2.87 -9.25
C LYS D 123 20.83 1.84 -8.61
N TRP D 124 21.07 0.56 -8.84
CA TRP D 124 20.23 -0.47 -8.25
C TRP D 124 20.80 -1.03 -6.96
N ARG D 125 21.88 -0.43 -6.44
CA ARG D 125 22.52 -0.89 -5.21
C ARG D 125 22.85 0.31 -4.32
N VAL D 126 21.87 1.19 -4.11
CA VAL D 126 22.11 2.50 -3.49
C VAL D 126 22.55 2.34 -2.03
N LYS D 127 21.91 1.43 -1.29
CA LYS D 127 22.26 1.23 0.11
C LYS D 127 23.68 0.68 0.25
N LYS D 128 24.03 -0.28 -0.60
CA LYS D 128 25.39 -0.81 -0.62
C LYS D 128 26.39 0.27 -1.02
N VAL D 129 26.01 1.13 -1.97
CA VAL D 129 26.92 2.17 -2.44
C VAL D 129 27.16 3.21 -1.34
N VAL D 130 26.12 3.64 -0.63
CA VAL D 130 26.32 4.63 0.42
C VAL D 130 27.07 4.02 1.60
N LEU D 131 26.84 2.75 1.92
CA LEU D 131 27.59 2.10 2.99
C LEU D 131 29.07 1.95 2.62
N VAL D 132 29.34 1.59 1.36
CA VAL D 132 30.72 1.48 0.88
C VAL D 132 31.38 2.85 0.84
N LEU D 133 30.64 3.89 0.49
CA LEU D 133 31.18 5.25 0.48
C LEU D 133 31.54 5.70 1.89
N LEU D 134 30.74 5.31 2.88
CA LEU D 134 31.07 5.64 4.26
C LEU D 134 32.29 4.87 4.75
N LEU D 135 32.38 3.58 4.42
CA LEU D 135 33.48 2.76 4.95
C LEU D 135 34.80 3.01 4.24
N VAL D 136 34.78 3.21 2.92
CA VAL D 136 36.01 3.40 2.14
C VAL D 136 36.65 4.75 2.47
N THR D 137 35.83 5.79 2.64
CA THR D 137 36.36 7.13 2.90
C THR D 137 36.93 7.31 4.30
N SER D 138 37.05 6.23 5.10
CA SER D 138 37.76 6.30 6.37
C SER D 138 39.27 6.42 6.18
N VAL D 139 39.78 6.12 4.98
CA VAL D 139 41.20 6.36 4.71
C VAL D 139 41.49 7.85 4.72
N PHE D 140 40.53 8.66 4.27
CA PHE D 140 40.65 10.12 4.39
C PHE D 140 40.69 10.53 5.85
N LEU D 141 39.88 9.89 6.70
CA LEU D 141 39.88 10.21 8.12
C LEU D 141 41.21 9.86 8.77
N PHE D 142 41.76 8.69 8.43
CA PHE D 142 43.04 8.28 9.00
C PHE D 142 44.16 9.20 8.55
N LEU D 143 44.17 9.56 7.26
CA LEU D 143 45.21 10.45 6.76
C LEU D 143 45.07 11.86 7.34
N ASN D 144 43.82 12.31 7.57
CA ASN D 144 43.59 13.61 8.18
C ASN D 144 44.07 13.63 9.62
N ILE D 145 43.74 12.59 10.39
CA ILE D 145 44.18 12.51 11.78
C ILE D 145 45.71 12.45 11.85
N ALA D 146 46.31 11.70 10.91
CA ALA D 146 47.76 11.61 10.85
C ALA D 146 48.40 12.97 10.58
N LEU D 147 47.92 13.69 9.56
CA LEU D 147 48.56 14.96 9.22
C LEU D 147 48.32 16.03 10.28
N ILE D 148 47.13 16.06 10.89
CA ILE D 148 46.90 17.00 11.99
C ILE D 148 47.80 16.68 13.18
N ASN D 149 47.99 15.40 13.51
CA ASN D 149 48.86 15.07 14.63
C ASN D 149 50.32 15.37 14.33
N ILE D 150 50.75 15.20 13.07
CA ILE D 150 52.09 15.62 12.68
C ILE D 150 52.25 17.13 12.84
N HIS D 151 51.24 17.90 12.44
CA HIS D 151 51.30 19.36 12.60
C HIS D 151 51.32 19.76 14.06
N ILE D 152 50.55 19.07 14.90
CA ILE D 152 50.54 19.36 16.35
C ILE D 152 51.90 19.08 16.96
N ASN D 153 52.49 17.93 16.59
CA ASN D 153 53.80 17.56 17.13
C ASN D 153 54.87 18.55 16.67
N ALA D 154 54.80 18.98 15.40
CA ALA D 154 55.75 19.98 14.90
C ALA D 154 55.56 21.31 15.62
N SER D 155 54.32 21.70 15.90
CA SER D 155 54.06 22.96 16.57
C SER D 155 54.56 22.95 18.01
N ILE D 156 54.35 21.84 18.72
CA ILE D 156 54.80 21.78 20.11
C ILE D 156 56.29 21.51 20.22
N ASN D 157 56.92 21.00 19.15
CA ASN D 157 58.36 20.83 19.16
C ASN D 157 59.13 22.05 18.67
N GLY D 158 58.50 22.89 17.87
CA GLY D 158 59.15 24.10 17.39
C GLY D 158 59.23 25.19 18.44
N ARG D 174 49.36 24.34 17.84
CA ARG D 174 49.24 25.79 17.98
C ARG D 174 49.43 26.45 16.61
N PHE D 175 49.90 25.68 15.63
CA PHE D 175 50.14 26.21 14.29
C PHE D 175 48.82 26.15 13.50
N SER D 176 47.90 27.03 13.91
CA SER D 176 46.54 27.01 13.42
C SER D 176 46.48 27.41 11.95
N SER D 177 47.47 28.17 11.48
CA SER D 177 47.53 28.56 10.08
C SER D 177 47.72 27.38 9.13
N LEU D 178 48.18 26.24 9.64
CA LEU D 178 48.20 25.02 8.87
C LEU D 178 47.16 24.00 9.31
N ILE D 179 46.74 24.02 10.58
CA ILE D 179 45.67 23.13 11.03
C ILE D 179 44.37 23.45 10.30
N VAL D 180 44.03 24.74 10.23
CA VAL D 180 42.81 25.18 9.55
C VAL D 180 42.88 24.88 8.06
N LEU D 181 44.05 25.06 7.46
CA LEU D 181 44.21 24.78 6.04
C LEU D 181 44.03 23.30 5.74
N THR D 182 44.61 22.42 6.57
CA THR D 182 44.47 20.99 6.36
C THR D 182 43.02 20.55 6.52
N SER D 183 42.35 21.03 7.57
CA SER D 183 40.93 20.69 7.76
C SER D 183 40.07 21.21 6.62
N THR D 184 40.31 22.43 6.16
CA THR D 184 39.50 23.03 5.10
C THR D 184 39.72 22.31 3.77
N VAL D 185 40.94 21.84 3.51
CA VAL D 185 41.16 20.98 2.36
C VAL D 185 40.38 19.68 2.50
N PHE D 186 40.35 19.11 3.70
CA PHE D 186 39.65 17.86 3.90
C PHE D 186 38.13 17.99 3.89
N ILE D 187 37.57 19.20 4.01
CA ILE D 187 36.14 19.39 3.78
C ILE D 187 35.81 19.64 2.30
N PHE D 188 36.80 20.09 1.50
CA PHE D 188 36.53 20.42 0.10
C PHE D 188 36.21 19.20 -0.75
N ILE D 189 36.85 18.06 -0.46
CA ILE D 189 36.64 16.86 -1.28
C ILE D 189 35.19 16.36 -1.24
N PRO D 190 34.55 16.17 -0.07
CA PRO D 190 33.13 15.81 -0.10
C PRO D 190 32.23 16.90 -0.65
N PHE D 191 32.59 18.16 -0.43
CA PHE D 191 31.82 19.27 -0.98
C PHE D 191 31.87 19.27 -2.51
N THR D 192 33.05 19.01 -3.08
CA THR D 192 33.18 18.95 -4.53
C THR D 192 32.46 17.74 -5.11
N LEU D 193 32.50 16.61 -4.39
CA LEU D 193 31.74 15.44 -4.83
C LEU D 193 30.24 15.72 -4.83
N SER D 194 29.74 16.39 -3.79
CA SER D 194 28.32 16.72 -3.70
C SER D 194 27.92 17.72 -4.77
N LEU D 195 28.77 18.71 -5.05
CA LEU D 195 28.48 19.68 -6.10
C LEU D 195 28.48 19.01 -7.47
N ALA D 196 29.39 18.06 -7.71
CA ALA D 196 29.41 17.35 -8.99
C ALA D 196 28.16 16.50 -9.16
N MET D 197 27.73 15.83 -8.09
CA MET D 197 26.50 15.04 -8.15
C MET D 197 25.28 15.92 -8.36
N PHE D 198 25.24 17.09 -7.74
CA PHE D 198 24.14 18.03 -7.94
C PHE D 198 24.08 18.53 -9.37
N LEU D 199 25.24 18.89 -9.94
CA LEU D 199 25.28 19.38 -11.31
C LEU D 199 24.88 18.29 -12.30
N LEU D 200 25.30 17.04 -12.03
CA LEU D 200 24.89 15.94 -12.91
C LEU D 200 23.39 15.66 -12.81
N LEU D 201 22.82 15.78 -11.61
CA LEU D 201 21.37 15.62 -11.45
C LEU D 201 20.60 16.70 -12.17
N ILE D 202 21.07 17.95 -12.09
CA ILE D 202 20.43 19.05 -12.81
C ILE D 202 20.53 18.83 -14.31
N PHE D 203 21.68 18.34 -14.78
CA PHE D 203 21.84 18.06 -16.20
C PHE D 203 20.91 16.94 -16.66
N SER D 204 20.73 15.91 -15.82
CA SER D 204 19.80 14.84 -16.15
C SER D 204 18.36 15.35 -16.22
N MET D 205 17.97 16.20 -15.27
CA MET D 205 16.62 16.75 -15.28
C MET D 205 16.40 17.67 -16.48
N TRP D 206 17.43 18.43 -16.87
CA TRP D 206 17.31 19.31 -18.02
C TRP D 206 17.22 18.52 -19.33
N LYS D 207 18.00 17.44 -19.45
CA LYS D 207 17.91 16.58 -20.61
C LYS D 207 16.54 15.92 -20.70
N HIS D 208 16.01 15.48 -19.56
CA HIS D 208 14.68 14.87 -19.54
C HIS D 208 13.60 15.90 -19.88
N ARG D 209 13.75 17.14 -19.43
CA ARG D 209 12.79 18.19 -19.76
C ARG D 209 12.83 18.54 -21.25
N LYS D 210 14.03 18.60 -21.82
CA LYS D 210 14.15 18.81 -23.26
C LYS D 210 13.56 17.66 -24.06
N LYS D 211 13.64 16.44 -23.54
CA LYS D 211 13.03 15.31 -24.22
C LYS D 211 11.52 15.34 -24.10
N MET D 212 11.00 15.70 -22.93
CA MET D 212 9.55 15.73 -22.71
C MET D 212 8.91 17.00 -23.21
N GLN D 213 9.69 17.95 -23.74
CA GLN D 213 9.10 19.14 -24.31
C GLN D 213 8.94 19.09 -25.82
N HIS D 214 9.49 18.06 -26.49
CA HIS D 214 9.46 18.00 -27.94
C HIS D 214 8.84 16.74 -28.52
N THR D 215 8.89 15.61 -27.81
CA THR D 215 8.17 14.42 -28.26
C THR D 215 6.76 14.39 -27.66
N VAL D 216 6.70 14.41 -26.34
CA VAL D 216 5.41 14.48 -25.64
C VAL D 216 5.04 15.94 -25.44
N LYS D 217 3.77 16.26 -25.67
CA LYS D 217 3.31 17.67 -25.50
C LYS D 217 3.25 17.99 -24.01
N ILE D 218 4.40 17.99 -23.34
CA ILE D 218 4.43 18.33 -21.88
C ILE D 218 3.26 17.64 -21.20
N SER D 219 2.31 18.40 -20.66
CA SER D 219 1.22 17.77 -19.92
C SER D 219 -0.07 18.47 -20.26
N GLY D 220 -1.18 17.74 -20.11
CA GLY D 220 -2.47 18.39 -20.06
C GLY D 220 -2.82 18.95 -18.71
N ASP D 221 -2.03 18.60 -17.69
CA ASP D 221 -2.22 19.08 -16.32
C ASP D 221 -1.16 20.11 -15.93
N ALA D 222 0.12 19.75 -16.07
CA ALA D 222 1.27 20.61 -15.80
C ALA D 222 1.27 21.16 -14.38
N SER D 223 0.97 20.28 -13.41
CA SER D 223 0.93 20.67 -12.01
C SER D 223 1.99 19.96 -11.18
N THR D 224 2.01 18.63 -11.16
CA THR D 224 3.02 17.91 -10.40
C THR D 224 4.15 17.48 -11.35
N LYS D 225 5.29 18.15 -11.21
CA LYS D 225 6.50 17.93 -11.98
C LYS D 225 7.62 18.56 -11.16
N ALA D 226 8.75 18.87 -11.79
CA ALA D 226 9.83 19.60 -11.13
C ALA D 226 9.48 21.03 -10.74
N HIS D 227 8.24 21.48 -11.04
CA HIS D 227 7.77 22.79 -10.58
C HIS D 227 7.70 22.88 -9.06
N ARG D 228 7.59 21.75 -8.36
CA ARG D 228 7.71 21.74 -6.91
C ARG D 228 9.14 21.59 -6.44
N GLY D 229 10.00 20.95 -7.25
CA GLY D 229 11.39 20.78 -6.86
C GLY D 229 12.29 21.95 -7.19
N VAL D 230 11.82 22.89 -8.01
CA VAL D 230 12.63 24.07 -8.30
C VAL D 230 12.82 24.94 -7.07
N LYS D 231 11.87 24.91 -6.12
CA LYS D 231 12.04 25.64 -4.88
C LYS D 231 13.21 25.08 -4.08
N SER D 232 13.30 23.75 -3.99
CA SER D 232 14.41 23.10 -3.32
C SER D 232 15.72 23.34 -4.06
N VAL D 233 15.69 23.29 -5.39
CA VAL D 233 16.90 23.51 -6.18
C VAL D 233 17.40 24.94 -6.00
N ILE D 234 16.49 25.92 -5.97
CA ILE D 234 16.88 27.31 -5.80
C ILE D 234 17.44 27.55 -4.40
N THR D 235 16.76 27.05 -3.37
CA THR D 235 17.25 27.25 -2.01
C THR D 235 18.48 26.43 -1.70
N PHE D 236 18.83 25.47 -2.55
CA PHE D 236 20.04 24.70 -2.42
C PHE D 236 21.22 25.36 -3.12
N PHE D 237 20.98 25.85 -4.34
CA PHE D 237 22.02 26.55 -5.09
C PHE D 237 22.40 27.87 -4.43
N LEU D 238 21.43 28.54 -3.80
CA LEU D 238 21.74 29.73 -3.02
C LEU D 238 22.69 29.40 -1.88
N LEU D 239 22.47 28.27 -1.19
CA LEU D 239 23.32 27.89 -0.07
C LEU D 239 24.72 27.51 -0.55
N TYR D 240 24.82 26.79 -1.67
CA TYR D 240 26.14 26.53 -2.24
C TYR D 240 26.87 27.80 -2.63
N ALA D 241 26.18 28.77 -3.22
CA ALA D 241 26.85 30.02 -3.60
C ALA D 241 27.34 30.78 -2.38
N ILE D 242 26.46 31.00 -1.41
CA ILE D 242 26.83 31.77 -0.22
C ILE D 242 27.73 30.99 0.73
N PHE D 243 27.96 29.69 0.50
CA PHE D 243 28.92 28.96 1.31
C PHE D 243 30.26 28.78 0.61
N SER D 244 30.29 28.72 -0.71
CA SER D 244 31.58 28.76 -1.40
C SER D 244 32.21 30.14 -1.30
N LEU D 245 31.38 31.19 -1.26
CA LEU D 245 31.92 32.53 -1.00
C LEU D 245 32.58 32.61 0.37
N SER D 246 31.96 32.00 1.39
CA SER D 246 32.54 32.02 2.73
C SER D 246 33.74 31.09 2.85
N PHE D 247 33.75 29.96 2.14
CA PHE D 247 34.97 29.18 1.90
C PHE D 247 36.14 30.05 1.45
N PHE D 248 35.96 30.75 0.33
CA PHE D 248 37.03 31.57 -0.22
C PHE D 248 37.45 32.68 0.72
N ILE D 249 36.46 33.32 1.36
CA ILE D 249 36.73 34.43 2.29
C ILE D 249 37.53 33.94 3.49
N SER D 250 37.11 32.81 4.08
CA SER D 250 37.80 32.30 5.26
C SER D 250 39.21 31.82 4.93
N VAL D 251 39.39 31.15 3.78
CA VAL D 251 40.72 30.68 3.42
C VAL D 251 41.65 31.86 3.16
N TRP D 252 41.18 32.87 2.43
CA TRP D 252 42.01 34.04 2.17
C TRP D 252 42.34 34.80 3.45
N THR D 253 41.37 34.96 4.35
CA THR D 253 41.62 35.72 5.58
C THR D 253 42.50 34.95 6.55
N SER D 254 42.37 33.63 6.62
CA SER D 254 43.25 32.84 7.48
C SER D 254 44.66 32.79 6.92
N GLU D 255 44.80 32.81 5.59
CA GLU D 255 46.14 32.80 5.02
C GLU D 255 46.83 34.16 5.15
N ARG D 256 46.10 35.26 4.92
CA ARG D 256 46.73 36.56 4.78
C ARG D 256 47.40 37.13 6.03
N LEU D 257 46.62 37.57 7.02
CA LEU D 257 47.25 38.28 8.14
C LEU D 257 46.59 38.12 9.49
N GLU D 258 45.54 37.30 9.65
CA GLU D 258 44.66 37.42 10.81
C GLU D 258 45.28 36.82 12.08
N GLU D 259 45.11 37.54 13.19
CA GLU D 259 45.52 37.08 14.51
C GLU D 259 44.34 36.90 15.46
N ASN D 260 43.12 36.95 14.95
CA ASN D 260 41.90 36.71 15.71
C ASN D 260 41.24 35.41 15.25
N LEU D 261 42.06 34.39 15.00
CA LEU D 261 41.64 33.24 14.21
C LEU D 261 40.67 32.34 14.96
N ILE D 262 40.74 32.28 16.28
CA ILE D 262 40.04 31.25 17.04
C ILE D 262 38.53 31.47 16.98
N ILE D 263 38.08 32.70 17.24
CA ILE D 263 36.64 32.96 17.25
C ILE D 263 36.06 32.91 15.85
N LEU D 264 36.80 33.40 14.85
CA LEU D 264 36.31 33.38 13.48
C LEU D 264 36.23 31.95 12.95
N SER D 265 37.18 31.11 13.35
CA SER D 265 37.19 29.74 12.88
C SER D 265 36.14 28.90 13.60
N GLN D 266 35.84 29.33 14.82
CA GLN D 266 34.80 28.66 15.63
C GLN D 266 33.45 29.07 15.06
N VAL D 267 33.35 30.25 14.45
CA VAL D 267 32.15 30.69 13.74
C VAL D 267 32.00 29.95 12.42
N MET D 268 33.08 29.83 11.66
CA MET D 268 33.01 29.20 10.34
C MET D 268 32.77 27.70 10.44
N GLY D 269 33.21 27.07 11.52
CA GLY D 269 32.95 25.64 11.68
C GLY D 269 31.52 25.31 12.01
N MET D 270 30.77 26.27 12.55
CA MET D 270 29.36 26.07 12.86
C MET D 270 28.43 26.50 11.75
N ALA D 271 28.96 27.03 10.65
CA ALA D 271 28.10 27.55 9.59
C ALA D 271 27.37 26.45 8.85
N TYR D 272 28.09 25.39 8.46
CA TYR D 272 27.46 24.29 7.74
C TYR D 272 26.45 23.53 8.58
N PRO D 273 26.75 23.04 9.80
CA PRO D 273 25.74 22.27 10.54
C PRO D 273 24.58 23.10 11.07
N SER D 274 24.62 24.43 10.96
CA SER D 274 23.50 25.27 11.36
C SER D 274 22.61 25.69 10.20
N CYS D 275 23.19 26.05 9.06
CA CYS D 275 22.42 26.50 7.91
C CYS D 275 21.96 25.36 7.02
N HIS D 276 22.74 24.29 6.89
CA HIS D 276 22.33 23.23 5.98
C HIS D 276 21.14 22.45 6.53
N SER D 277 20.95 22.41 7.84
CA SER D 277 19.76 21.76 8.38
C SER D 277 18.51 22.58 8.09
N CYS D 278 18.62 23.90 8.15
CA CYS D 278 17.51 24.77 7.78
C CYS D 278 17.19 24.63 6.29
N VAL D 279 18.22 24.43 5.47
CA VAL D 279 17.99 24.15 4.05
C VAL D 279 17.33 22.79 3.87
N LEU D 280 17.72 21.79 4.66
CA LEU D 280 17.12 20.47 4.57
C LEU D 280 15.67 20.45 5.05
N ILE D 281 15.31 21.37 5.94
CA ILE D 281 13.90 21.49 6.34
C ILE D 281 13.07 21.97 5.17
N LEU D 282 13.53 23.02 4.49
CA LEU D 282 12.86 23.55 3.31
C LEU D 282 13.30 22.70 2.11
N GLY D 283 12.60 21.59 1.89
CA GLY D 283 13.02 20.68 0.85
C GLY D 283 12.68 19.23 1.13
N ASN D 284 12.20 18.94 2.33
CA ASN D 284 11.60 17.66 2.64
C ASN D 284 10.12 17.90 2.95
N LYS D 285 9.26 17.08 2.36
CA LYS D 285 7.81 17.28 2.50
C LYS D 285 7.38 17.02 3.94
N LYS D 286 7.94 15.99 4.57
CA LYS D 286 7.60 15.68 5.96
C LYS D 286 8.04 16.80 6.90
N LEU D 287 9.24 17.34 6.69
CA LEU D 287 9.73 18.42 7.56
C LEU D 287 8.95 19.70 7.33
N ARG D 288 8.57 19.99 6.08
CA ARG D 288 7.75 21.18 5.82
C ARG D 288 6.36 21.03 6.41
N GLN D 289 5.77 19.84 6.32
CA GLN D 289 4.46 19.61 6.93
C GLN D 289 4.52 19.72 8.45
N ALA D 290 5.60 19.21 9.05
CA ALA D 290 5.79 19.34 10.50
C ALA D 290 5.99 20.79 10.90
N SER D 291 6.72 21.56 10.09
CA SER D 291 6.91 22.98 10.39
C SER D 291 5.59 23.74 10.28
N LEU D 292 4.78 23.40 9.28
CA LEU D 292 3.46 24.03 9.14
C LEU D 292 2.54 23.67 10.29
N SER D 293 2.59 22.41 10.76
CA SER D 293 1.78 22.02 11.91
C SER D 293 2.25 22.71 13.18
N VAL D 294 3.57 22.91 13.32
CA VAL D 294 4.10 23.63 14.48
C VAL D 294 3.64 25.08 14.45
N LEU D 295 3.74 25.73 13.29
CA LEU D 295 3.27 27.11 13.17
C LEU D 295 1.76 27.22 13.29
N LEU D 296 1.02 26.16 13.03
CA LEU D 296 -0.43 26.19 13.21
C LEU D 296 -0.80 26.05 14.69
N TRP D 297 -0.25 25.04 15.38
CA TRP D 297 -0.66 24.83 16.76
C TRP D 297 -0.02 25.83 17.71
N LEU D 298 1.05 26.51 17.29
CA LEU D 298 1.58 27.62 18.10
C LEU D 298 0.57 28.76 18.18
N ARG D 299 -0.09 29.07 17.07
CA ARG D 299 -1.15 30.06 17.10
C ARG D 299 -2.44 29.51 17.72
C10 A1AEI E . 19.19 18.15 -3.25
C13 A1AEI E . 22.61 16.61 -3.48
C20 A1AEI E . 23.26 15.56 -5.50
C21 A1AEI E . 22.03 15.87 -6.04
C22 A1AEI E . 21.09 16.53 -5.29
C01 A1AEI E . 17.00 19.92 -0.88
C02 A1AEI E . 17.52 19.24 -2.14
C03 A1AEI E . 16.75 19.16 -3.28
C04 A1AEI E . 17.28 18.54 -4.39
C05 A1AEI E . 16.47 18.40 -5.65
C12 A1AEI E . 21.39 16.90 -4.00
C14 A1AEI E . 22.90 17.00 -2.03
C19 A1AEI E . 23.56 15.94 -4.23
F06 A1AEI E . 15.46 17.52 -5.36
F07 A1AEI E . 15.95 19.61 -6.02
F08 A1AEI E . 17.26 17.90 -6.63
N09 A1AEI E . 18.49 18.04 -4.35
N11 A1AEI E . 20.52 17.61 -3.11
N15 A1AEI E . 22.21 16.60 -0.92
N16 A1AEI E . 22.80 17.14 0.16
N17 A1AEI E . 23.85 17.82 -0.22
N18 A1AEI E . 23.92 17.74 -1.57
N23 A1AEI E . 18.72 18.72 -2.16
C1 CLR F . 42.29 25.37 17.47
C2 CLR F . 42.27 26.62 18.33
C3 CLR F . 42.04 26.31 19.79
C4 CLR F . 40.95 25.25 19.94
C5 CLR F . 40.16 25.02 18.68
C6 CLR F . 38.84 25.19 18.66
C7 CLR F . 37.98 25.12 17.45
C8 CLR F . 38.68 24.54 16.22
C9 CLR F . 40.15 25.03 16.18
C10 CLR F . 40.95 24.61 17.45
C11 CLR F . 40.85 24.65 14.88
C12 CLR F . 40.07 25.04 13.62
C13 CLR F . 38.65 24.45 13.65
C14 CLR F . 37.99 24.96 14.94
C15 CLR F . 36.51 24.64 14.76
C16 CLR F . 36.26 24.77 13.25
C17 CLR F . 37.65 25.00 12.59
C18 CLR F . 38.71 22.92 13.58
C19 CLR F . 41.18 23.09 17.51
C20 CLR F . 37.70 24.47 11.15
C21 CLR F . 38.87 25.03 10.35
C22 CLR F . 36.37 24.79 10.44
C23 CLR F . 36.39 24.62 8.94
C24 CLR F . 35.91 25.85 8.22
C25 CLR F . 36.42 25.99 6.78
C26 CLR F . 36.05 27.35 6.20
C27 CLR F . 35.90 24.88 5.89
O1 CLR F . 43.26 25.85 20.38
#